data_2ZNW
#
_entry.id   2ZNW
#
_cell.length_a   149.228
_cell.length_b   149.228
_cell.length_c   80.948
_cell.angle_alpha   90.00
_cell.angle_beta   90.00
_cell.angle_gamma   90.00
#
_symmetry.space_group_name_H-M   'P 41 21 2'
#
loop_
_entity.id
_entity.type
_entity.pdbx_description
1 polymer ScFv10
2 polymer 'Lysozyme C'
3 non-polymer 2-(2-{2-[2-(2-METHOXY-ETHOXY)-ETHOXY]-ETHOXY}-ETHOXY)-ETHANOL
4 water water
#
loop_
_entity_poly.entity_id
_entity_poly.type
_entity_poly.pdbx_seq_one_letter_code
_entity_poly.pdbx_strand_id
1 'polypeptide(L)'
;DIVLTQSPATLSVTPGNSVSLSCRASQSIGNNLHWYQQKSHESPRLLIKYASQSISGIPSRFSGSGSGTDFTLSINSVET
EDFGMYFCQQSNSWPYTFGGGTKLEITGGGGSGGGGSGGGGSDIQLQESGPSLVKPSQTLSLTCSVTGDSITSDYWSWIR
KFPGNRLEYMGYVSYSGSTYYNPSLKSRISITRDTSKNQYYLDLNSVTTEDTATYYCANWDGDYWGQGTLVTVSAAHHHH
HH
;
A,B
2 'polypeptide(L)'
;KVFGRCELAAAMKRHGLDNYRGYSLGNWVCAAKFESNFNTQATNRNTDGSTDYGILQINSRWWCNDGRTPGSRNLCNIPC
SALLSSDITASVNCAKKIVSDGNGMNAWVAWRNRCKGTDVQAWIRGCRL
;
Y,Z
#
loop_
_chem_comp.id
_chem_comp.type
_chem_comp.name
_chem_comp.formula
1PG non-polymer 2-(2-{2-[2-(2-METHOXY-ETHOXY)-ETHOXY]-ETHOXY}-ETHOXY)-ETHANOL 'C11 H24 O6'
#
# COMPACT_ATOMS: atom_id res chain seq x y z
N ASP A 1 -3.68 -4.80 13.21
CA ASP A 1 -3.05 -3.48 13.55
C ASP A 1 -2.74 -3.46 15.02
N ILE A 2 -1.62 -2.81 15.37
CA ILE A 2 -1.32 -2.52 16.74
C ILE A 2 -2.40 -1.60 17.32
N VAL A 3 -3.02 -2.03 18.42
CA VAL A 3 -4.06 -1.29 19.14
C VAL A 3 -3.49 -0.70 20.45
N LEU A 4 -3.75 0.59 20.68
CA LEU A 4 -3.19 1.27 21.84
C LEU A 4 -4.27 1.66 22.85
N THR A 5 -4.27 1.02 24.01
CA THR A 5 -5.28 1.31 25.03
C THR A 5 -4.75 2.35 25.97
N GLN A 6 -5.40 3.51 25.96
CA GLN A 6 -5.05 4.60 26.85
C GLN A 6 -5.95 4.63 28.07
N SER A 7 -5.39 5.00 29.20
CA SER A 7 -6.13 5.08 30.46
C SER A 7 -5.36 6.01 31.41
N PRO A 8 -6.10 6.75 32.25
CA PRO A 8 -7.57 6.73 32.31
C PRO A 8 -8.22 7.46 31.10
N ALA A 9 -9.52 7.25 30.88
CA ALA A 9 -10.25 7.92 29.80
C ALA A 9 -10.39 9.44 30.04
N THR A 10 -10.61 9.84 31.29
CA THR A 10 -10.66 11.27 31.68
C THR A 10 -10.03 11.42 33.04
N LEU A 11 -9.49 12.61 33.31
CA LEU A 11 -8.75 12.87 34.55
C LEU A 11 -8.88 14.34 34.89
N SER A 12 -9.24 14.61 36.16
CA SER A 12 -9.39 15.97 36.68
C SER A 12 -8.26 16.26 37.67
N VAL A 13 -7.78 17.49 37.68
CA VAL A 13 -6.55 17.76 38.42
C VAL A 13 -6.35 19.24 38.78
N THR A 14 -5.75 19.44 39.95
CA THR A 14 -5.42 20.76 40.47
C THR A 14 -4.04 21.19 40.01
N PRO A 15 -3.91 22.43 39.51
CA PRO A 15 -2.56 22.94 39.20
C PRO A 15 -1.58 22.66 40.34
N GLY A 16 -0.40 22.15 40.01
CA GLY A 16 0.63 21.91 41.01
C GLY A 16 0.81 20.43 41.30
N ASN A 17 -0.26 19.66 41.13
CA ASN A 17 -0.18 18.19 41.15
C ASN A 17 0.74 17.61 40.08
N SER A 18 1.17 16.38 40.30
CA SER A 18 1.83 15.62 39.27
C SER A 18 0.89 14.54 38.75
N VAL A 19 1.01 14.22 37.45
CA VAL A 19 0.15 13.20 36.85
C VAL A 19 0.92 12.20 35.99
N SER A 20 0.30 11.02 35.83
CA SER A 20 0.81 9.99 34.95
C SER A 20 -0.28 9.43 34.05
N LEU A 21 -0.09 9.52 32.75
CA LEU A 21 -0.99 8.87 31.79
C LEU A 21 -0.35 7.61 31.24
N SER A 22 -1.18 6.61 30.96
CA SER A 22 -0.71 5.30 30.60
C SER A 22 -1.17 4.90 29.19
N CYS A 23 -0.22 4.38 28.41
CA CYS A 23 -0.52 3.80 27.10
C CYS A 23 -0.02 2.36 27.12
N ARG A 24 -0.89 1.42 26.79
CA ARG A 24 -0.44 0.05 26.60
C ARG A 24 -0.74 -0.42 25.18
N ALA A 25 0.19 -1.20 24.62
CA ALA A 25 0.13 -1.63 23.22
C ALA A 25 -0.16 -3.13 23.07
N SER A 26 -0.96 -3.50 22.07
CA SER A 26 -1.32 -4.90 21.87
C SER A 26 -0.15 -5.82 21.49
N GLN A 27 0.94 -5.24 20.99
CA GLN A 27 2.19 -6.00 20.81
C GLN A 27 3.42 -5.14 21.07
N SER A 28 4.56 -5.80 21.34
CA SER A 28 5.81 -5.09 21.62
C SER A 28 6.16 -4.11 20.51
N ILE A 29 6.44 -2.86 20.88
CA ILE A 29 6.76 -1.84 19.88
C ILE A 29 8.05 -1.05 20.13
N GLY A 30 8.89 -1.54 21.03
CA GLY A 30 10.21 -0.96 21.27
C GLY A 30 10.14 0.38 21.97
N ASN A 31 10.67 1.42 21.34
CA ASN A 31 10.52 2.76 21.87
C ASN A 31 9.64 3.61 20.96
N ASN A 32 8.91 2.96 20.06
CA ASN A 32 8.27 3.66 18.96
C ASN A 32 6.88 4.20 19.29
N LEU A 33 6.85 5.08 20.29
CA LEU A 33 5.61 5.59 20.86
C LEU A 33 5.80 7.08 21.08
N HIS A 34 4.86 7.88 20.59
CA HIS A 34 4.98 9.33 20.65
C HIS A 34 3.74 9.89 21.29
N TRP A 35 3.84 11.07 21.89
CA TRP A 35 2.71 11.71 22.55
C TRP A 35 2.35 13.10 21.98
N TYR A 36 1.07 13.30 21.75
CA TYR A 36 0.53 14.59 21.30
C TYR A 36 -0.44 15.22 22.30
N GLN A 37 -0.50 16.54 22.29
CA GLN A 37 -1.54 17.25 22.99
C GLN A 37 -2.42 17.92 21.95
N GLN A 38 -3.73 17.87 22.14
CA GLN A 38 -4.67 18.55 21.25
C GLN A 38 -5.80 19.19 22.04
N LYS A 39 -5.95 20.49 21.83
CA LYS A 39 -6.99 21.29 22.46
C LYS A 39 -8.09 21.52 21.47
N SER A 40 -9.30 21.09 21.86
CA SER A 40 -10.51 21.02 21.02
C SER A 40 -10.37 21.52 19.57
N HIS A 41 -10.11 20.56 18.67
CA HIS A 41 -9.73 20.81 17.27
C HIS A 41 -8.78 22.03 17.05
N GLU A 42 -7.50 21.74 17.23
CA GLU A 42 -6.40 22.52 16.70
C GLU A 42 -5.48 21.40 16.31
N SER A 43 -4.51 21.69 15.44
CA SER A 43 -3.52 20.70 15.10
C SER A 43 -2.91 20.13 16.41
N PRO A 44 -2.70 18.80 16.45
CA PRO A 44 -2.04 18.26 17.62
C PRO A 44 -0.59 18.73 17.68
N ARG A 45 -0.07 18.81 18.90
CA ARG A 45 1.30 19.23 19.13
C ARG A 45 2.07 18.06 19.72
N LEU A 46 3.19 17.73 19.11
CA LEU A 46 4.05 16.65 19.56
C LEU A 46 4.84 17.07 20.80
N LEU A 47 4.75 16.27 21.87
CA LEU A 47 5.37 16.60 23.15
C LEU A 47 6.59 15.75 23.47
N ILE A 48 6.44 14.44 23.33
CA ILE A 48 7.55 13.52 23.53
C ILE A 48 7.60 12.60 22.33
N LYS A 49 8.81 12.36 21.80
CA LYS A 49 8.96 11.40 20.74
C LYS A 49 9.80 10.20 21.21
N TYR A 50 9.49 9.04 20.65
CA TYR A 50 10.20 7.80 20.92
C TYR A 50 10.25 7.42 22.39
N ALA A 51 9.08 7.48 23.04
CA ALA A 51 8.88 7.09 24.43
C ALA A 51 9.41 8.09 25.47
N SER A 52 10.65 8.56 25.30
CA SER A 52 11.25 9.41 26.32
C SER A 52 12.07 10.62 25.85
N GLN A 53 12.18 10.85 24.55
CA GLN A 53 13.03 11.95 24.07
C GLN A 53 12.34 13.31 24.06
N SER A 54 13.04 14.32 24.56
CA SER A 54 12.59 15.72 24.58
C SER A 54 12.36 16.29 23.20
N ILE A 55 11.48 17.27 23.13
CA ILE A 55 11.23 18.03 21.91
C ILE A 55 11.59 19.47 22.17
N SER A 56 12.31 20.08 21.23
CA SER A 56 12.75 21.46 21.40
C SER A 56 11.55 22.42 21.48
N GLY A 57 11.55 23.27 22.50
CA GLY A 57 10.46 24.22 22.73
C GLY A 57 9.31 23.69 23.59
N ILE A 58 9.39 22.44 24.04
CA ILE A 58 8.37 21.87 24.93
C ILE A 58 8.81 22.00 26.39
N PRO A 59 7.91 22.43 27.29
CA PRO A 59 8.30 22.70 28.70
C PRO A 59 8.84 21.49 29.48
N SER A 60 9.93 21.72 30.22
CA SER A 60 10.60 20.70 31.08
C SER A 60 9.69 19.67 31.72
N ARG A 61 8.52 20.12 32.18
CA ARG A 61 7.69 19.33 33.07
C ARG A 61 7.14 18.06 32.42
N PHE A 62 7.08 18.08 31.09
CA PHE A 62 6.64 16.91 30.34
C PHE A 62 7.76 15.91 30.20
N SER A 63 7.51 14.68 30.64
CA SER A 63 8.47 13.59 30.42
C SER A 63 7.76 12.26 30.21
N GLY A 64 8.48 11.31 29.64
CA GLY A 64 7.92 10.01 29.34
C GLY A 64 8.90 8.90 29.63
N SER A 65 8.34 7.71 29.85
CA SER A 65 9.17 6.52 30.01
C SER A 65 8.41 5.26 29.61
N GLY A 66 9.13 4.15 29.58
CA GLY A 66 8.56 2.85 29.24
C GLY A 66 9.18 2.29 27.98
N SER A 67 8.77 1.08 27.64
CA SER A 67 9.22 0.41 26.41
C SER A 67 8.36 -0.83 26.27
N GLY A 68 8.59 -1.63 25.23
CA GLY A 68 7.82 -2.83 24.98
C GLY A 68 6.35 -2.55 24.76
N THR A 69 5.57 -2.59 25.84
CA THR A 69 4.12 -2.46 25.77
C THR A 69 3.53 -1.55 26.85
N ASP A 70 4.38 -0.98 27.70
CA ASP A 70 3.93 -0.04 28.75
C ASP A 70 4.62 1.29 28.68
N PHE A 71 3.81 2.33 28.54
CA PHE A 71 4.31 3.68 28.29
C PHE A 71 3.63 4.69 29.17
N THR A 72 4.40 5.66 29.64
CA THR A 72 3.88 6.64 30.57
C THR A 72 4.29 8.03 30.21
N LEU A 73 3.28 8.88 30.05
CA LEU A 73 3.51 10.32 29.96
C LEU A 73 3.31 10.90 31.36
N SER A 74 4.31 11.65 31.80
CA SER A 74 4.22 12.27 33.11
C SER A 74 4.18 13.78 32.98
N ILE A 75 3.27 14.40 33.74
CA ILE A 75 3.26 15.84 33.86
C ILE A 75 3.61 16.18 35.30
N ASN A 76 4.88 16.46 35.51
CA ASN A 76 5.39 16.84 36.81
C ASN A 76 4.96 18.28 37.09
N SER A 77 4.04 18.43 38.04
CA SER A 77 3.51 19.75 38.43
C SER A 77 2.76 20.41 37.28
N VAL A 78 1.46 20.13 37.22
CA VAL A 78 0.56 20.55 36.15
C VAL A 78 0.28 22.05 36.15
N GLU A 79 0.20 22.64 34.96
CA GLU A 79 -0.27 24.02 34.78
C GLU A 79 -1.63 24.03 34.12
N THR A 80 -2.32 25.17 34.12
CA THR A 80 -3.68 25.27 33.56
C THR A 80 -3.66 25.17 32.04
N GLU A 81 -2.57 25.66 31.44
CA GLU A 81 -2.36 25.50 30.01
C GLU A 81 -2.38 24.04 29.55
N ASP A 82 -2.16 23.11 30.47
CA ASP A 82 -2.04 21.68 30.13
C ASP A 82 -3.37 20.96 29.85
N PHE A 83 -4.49 21.68 29.88
CA PHE A 83 -5.79 21.04 29.64
C PHE A 83 -5.92 20.63 28.18
N GLY A 84 -6.72 19.61 27.92
CA GLY A 84 -7.02 19.14 26.56
C GLY A 84 -6.90 17.64 26.43
N MET A 85 -6.89 17.14 25.20
CA MET A 85 -6.73 15.71 24.99
C MET A 85 -5.26 15.35 24.84
N TYR A 86 -4.94 14.11 25.18
CA TYR A 86 -3.60 13.58 24.99
C TYR A 86 -3.70 12.24 24.26
N PHE A 87 -2.83 12.06 23.27
CA PHE A 87 -2.86 10.89 22.41
C PHE A 87 -1.48 10.26 22.27
N CYS A 88 -1.45 8.94 22.34
CA CYS A 88 -0.25 8.20 22.01
C CYS A 88 -0.34 7.72 20.55
N GLN A 89 0.80 7.64 19.86
CA GLN A 89 0.83 7.09 18.50
C GLN A 89 2.02 6.17 18.31
N GLN A 90 1.81 4.99 17.72
CA GLN A 90 2.95 4.12 17.38
C GLN A 90 3.43 4.36 15.96
N SER A 91 4.73 4.12 15.74
CA SER A 91 5.32 4.18 14.40
C SER A 91 6.19 2.95 14.08
N ASN A 92 5.99 1.90 14.85
CA ASN A 92 6.71 0.66 14.68
C ASN A 92 6.24 -0.13 13.45
N SER A 93 4.93 -0.14 13.24
CA SER A 93 4.37 -0.91 12.16
C SER A 93 3.37 -0.08 11.40
N TRP A 94 3.33 -0.33 10.09
CA TRP A 94 2.33 0.26 9.25
C TRP A 94 1.07 -0.63 9.25
N PRO A 95 -0.12 -0.05 9.42
CA PRO A 95 -0.45 1.38 9.60
C PRO A 95 -0.07 1.96 10.96
N TYR A 96 0.35 3.23 10.97
CA TYR A 96 0.51 3.90 12.25
C TYR A 96 -0.86 3.98 12.89
N THR A 97 -0.90 3.99 14.23
CA THR A 97 -2.18 3.96 14.94
C THR A 97 -2.14 4.86 16.16
N PHE A 98 -3.30 5.33 16.59
CA PHE A 98 -3.38 6.30 17.67
C PHE A 98 -4.19 5.70 18.77
N GLY A 99 -3.80 5.96 20.02
CA GLY A 99 -4.63 5.57 21.14
C GLY A 99 -5.98 6.27 21.13
N GLY A 100 -6.88 5.87 22.03
CA GLY A 100 -8.20 6.45 22.09
C GLY A 100 -8.31 7.81 22.75
N GLY A 101 -7.22 8.31 23.34
CA GLY A 101 -7.24 9.61 24.00
C GLY A 101 -7.47 9.63 25.50
N THR A 102 -6.89 10.61 26.17
CA THR A 102 -7.16 10.90 27.58
C THR A 102 -7.45 12.40 27.72
N LYS A 103 -8.66 12.72 28.17
CA LYS A 103 -9.05 14.08 28.47
C LYS A 103 -8.49 14.51 29.84
N LEU A 104 -7.74 15.60 29.83
CA LEU A 104 -7.24 16.18 31.07
C LEU A 104 -7.97 17.47 31.39
N GLU A 105 -8.89 17.41 32.34
CA GLU A 105 -9.61 18.59 32.80
C GLU A 105 -8.92 19.20 34.03
N ILE A 106 -8.61 20.48 33.93
CA ILE A 106 -7.95 21.21 35.02
C ILE A 106 -8.96 21.97 35.90
N THR A 107 -8.71 22.02 37.20
CA THR A 107 -9.73 22.49 38.14
C THR A 107 -9.44 23.83 38.82
N ASP A 123 10.42 30.44 7.86
CA ASP A 123 10.32 29.01 8.20
C ASP A 123 9.04 28.37 7.63
N ILE A 124 8.87 27.05 7.85
CA ILE A 124 7.84 26.25 7.14
C ILE A 124 6.39 26.21 7.67
N GLN A 125 5.43 26.63 6.83
CA GLN A 125 3.97 26.54 7.10
C GLN A 125 3.20 25.69 6.09
N LEU A 126 2.09 25.13 6.55
CA LEU A 126 1.29 24.20 5.77
C LEU A 126 -0.14 24.67 5.77
N GLN A 127 -0.82 24.54 4.64
CA GLN A 127 -2.21 24.95 4.56
C GLN A 127 -3.03 24.00 3.73
N GLU A 128 -4.12 23.51 4.32
CA GLU A 128 -5.09 22.69 3.59
C GLU A 128 -6.10 23.55 2.83
N SER A 129 -6.43 23.15 1.61
CA SER A 129 -7.59 23.70 0.90
C SER A 129 -8.43 22.58 0.34
N GLY A 130 -9.74 22.81 0.28
CA GLY A 130 -10.68 21.93 -0.37
C GLY A 130 -12.11 22.26 0.04
N PRO A 131 -13.07 21.42 -0.38
CA PRO A 131 -14.48 21.66 -0.08
C PRO A 131 -14.76 21.41 1.39
N SER A 132 -15.86 21.94 1.93
CA SER A 132 -16.27 21.60 3.30
C SER A 132 -17.58 20.82 3.32
N LEU A 133 -18.28 20.86 2.20
CA LEU A 133 -19.45 20.02 2.01
C LEU A 133 -19.29 19.19 0.74
N VAL A 134 -19.48 17.87 0.86
CA VAL A 134 -19.46 16.97 -0.31
C VAL A 134 -20.64 16.00 -0.31
N LYS A 135 -21.11 15.63 -1.50
CA LYS A 135 -22.22 14.69 -1.61
C LYS A 135 -21.71 13.28 -1.37
N PRO A 136 -22.54 12.40 -0.78
CA PRO A 136 -22.13 11.00 -0.77
C PRO A 136 -21.75 10.52 -2.18
N SER A 137 -20.86 9.54 -2.22
CA SER A 137 -20.48 8.89 -3.48
C SER A 137 -19.46 9.65 -4.33
N GLN A 138 -19.14 10.88 -3.96
CA GLN A 138 -18.18 11.67 -4.75
C GLN A 138 -16.70 11.58 -4.28
N THR A 139 -15.80 12.16 -5.08
CA THR A 139 -14.39 12.19 -4.75
C THR A 139 -14.08 13.46 -3.97
N LEU A 140 -13.48 13.27 -2.78
CA LEU A 140 -12.95 14.36 -1.99
C LEU A 140 -11.53 14.61 -2.46
N SER A 141 -11.23 15.86 -2.82
CA SER A 141 -9.86 16.23 -3.16
C SER A 141 -9.32 17.29 -2.22
N LEU A 142 -8.15 17.07 -1.64
CA LEU A 142 -7.54 18.10 -0.81
C LEU A 142 -6.18 18.50 -1.32
N THR A 143 -5.82 19.74 -1.03
CA THR A 143 -4.50 20.26 -1.37
C THR A 143 -3.82 20.69 -0.10
N CYS A 144 -2.52 20.44 -0.02
CA CYS A 144 -1.71 21.02 1.01
C CYS A 144 -0.64 21.84 0.31
N SER A 145 -0.68 23.15 0.51
CA SER A 145 0.34 24.06 0.03
C SER A 145 1.39 24.20 1.09
N VAL A 146 2.64 23.95 0.70
CA VAL A 146 3.78 24.10 1.59
C VAL A 146 4.56 25.39 1.32
N THR A 147 4.95 26.05 2.39
CA THR A 147 5.66 27.32 2.35
C THR A 147 6.94 27.16 3.15
N GLY A 148 8.06 27.59 2.58
CA GLY A 148 9.30 27.72 3.35
C GLY A 148 10.39 26.74 3.00
N ASP A 149 10.00 25.56 2.55
CA ASP A 149 10.96 24.61 1.97
C ASP A 149 10.33 23.87 0.81
N SER A 150 11.17 23.14 0.06
CA SER A 150 10.73 22.27 -1.02
C SER A 150 10.03 21.03 -0.49
N ILE A 151 8.94 20.63 -1.14
CA ILE A 151 8.28 19.38 -0.78
C ILE A 151 9.18 18.18 -1.10
N THR A 152 10.22 18.39 -1.90
CA THR A 152 11.22 17.36 -2.12
C THR A 152 12.14 17.18 -0.91
N SER A 153 11.97 18.00 0.12
CA SER A 153 12.83 17.96 1.32
C SER A 153 12.24 17.29 2.54
N ASP A 154 11.11 16.61 2.38
CA ASP A 154 10.56 15.84 3.47
C ASP A 154 9.63 14.74 2.98
N TYR A 155 8.98 14.06 3.92
CA TYR A 155 7.89 13.15 3.66
C TYR A 155 6.63 13.85 4.13
N TRP A 156 5.50 13.53 3.50
CA TRP A 156 4.27 14.24 3.75
C TRP A 156 3.07 13.34 4.04
N SER A 157 2.31 13.70 5.07
CA SER A 157 1.21 12.86 5.55
C SER A 157 -0.15 13.54 5.52
N TRP A 158 -1.20 12.71 5.56
CA TRP A 158 -2.57 13.14 5.82
C TRP A 158 -3.14 12.36 7.00
N ILE A 159 -3.79 13.08 7.91
CA ILE A 159 -4.42 12.50 9.08
C ILE A 159 -5.80 13.11 9.23
N ARG A 160 -6.72 12.34 9.78
CA ARG A 160 -8.05 12.83 10.06
C ARG A 160 -8.59 12.48 11.44
N LYS A 161 -9.36 13.40 11.99
CA LYS A 161 -9.97 13.26 13.32
C LYS A 161 -11.49 13.15 13.22
N PHE A 162 -12.01 11.99 13.59
CA PHE A 162 -13.43 11.71 13.50
C PHE A 162 -14.22 12.42 14.60
N PRO A 163 -15.53 12.67 14.39
CA PRO A 163 -16.39 13.40 15.35
C PRO A 163 -16.41 12.87 16.78
N GLY A 164 -16.15 11.59 16.99
CA GLY A 164 -16.10 11.11 18.38
C GLY A 164 -14.69 11.14 18.98
N ASN A 165 -13.85 12.07 18.53
CA ASN A 165 -12.44 12.15 18.97
C ASN A 165 -11.41 11.21 18.34
N ARG A 166 -11.83 10.15 17.66
CA ARG A 166 -10.91 9.17 17.08
C ARG A 166 -9.95 9.76 16.01
N LEU A 167 -8.67 9.46 16.13
CA LEU A 167 -7.65 9.89 15.16
C LEU A 167 -7.22 8.76 14.24
N GLU A 168 -7.05 9.06 12.95
CA GLU A 168 -6.63 8.04 11.98
C GLU A 168 -5.52 8.53 11.04
N TYR A 169 -4.41 7.79 10.98
CA TYR A 169 -3.35 8.07 10.03
C TYR A 169 -3.77 7.53 8.68
N MET A 170 -3.89 8.40 7.69
CA MET A 170 -4.33 7.99 6.35
C MET A 170 -3.20 7.52 5.43
N GLY A 171 -2.08 8.25 5.40
CA GLY A 171 -0.93 7.79 4.67
C GLY A 171 0.14 8.82 4.52
N TYR A 172 1.25 8.42 3.88
CA TYR A 172 2.29 9.35 3.53
C TYR A 172 2.98 9.02 2.21
N VAL A 173 3.63 10.03 1.63
CA VAL A 173 4.48 9.83 0.49
C VAL A 173 5.91 10.19 0.92
N SER A 174 6.89 9.42 0.44
CA SER A 174 8.28 9.54 0.90
C SER A 174 9.20 9.83 -0.29
N TYR A 175 10.45 10.24 -0.02
CA TYR A 175 11.33 10.82 -1.06
C TYR A 175 11.30 10.09 -2.41
N SER A 176 11.17 8.78 -2.40
CA SER A 176 11.23 8.01 -3.63
C SER A 176 9.95 8.13 -4.44
N GLY A 177 8.92 8.78 -3.89
CA GLY A 177 7.61 8.78 -4.49
C GLY A 177 6.77 7.60 -4.07
N SER A 178 7.34 6.65 -3.35
CA SER A 178 6.53 5.55 -2.78
C SER A 178 5.52 6.09 -1.75
N THR A 179 4.41 5.38 -1.57
CA THR A 179 3.32 5.84 -0.72
C THR A 179 2.88 4.74 0.22
N TYR A 180 2.46 5.11 1.44
CA TYR A 180 1.85 4.17 2.36
C TYR A 180 0.45 4.60 2.74
N TYR A 181 -0.51 3.69 2.62
CA TYR A 181 -1.92 4.00 2.82
C TYR A 181 -2.45 3.13 3.90
N ASN A 182 -3.40 3.65 4.68
CA ASN A 182 -3.98 2.87 5.77
C ASN A 182 -4.91 1.87 5.17
N PRO A 183 -4.76 0.58 5.52
CA PRO A 183 -5.59 -0.44 4.88
C PRO A 183 -7.11 -0.26 5.07
N SER A 184 -7.54 0.47 6.10
CA SER A 184 -8.99 0.69 6.27
C SER A 184 -9.60 1.56 5.18
N LEU A 185 -8.78 2.26 4.41
CA LEU A 185 -9.28 3.04 3.28
C LEU A 185 -9.47 2.21 1.99
N LYS A 186 -9.27 0.89 2.09
CA LYS A 186 -9.39 -0.07 0.99
C LYS A 186 -9.24 0.56 -0.38
N SER A 187 -8.05 1.03 -0.74
CA SER A 187 -7.79 1.46 -2.13
C SER A 187 -8.63 2.67 -2.63
N ARG A 188 -9.32 3.37 -1.73
CA ARG A 188 -10.10 4.57 -2.11
C ARG A 188 -9.22 5.82 -2.09
N ILE A 189 -8.01 5.68 -1.55
CA ILE A 189 -7.15 6.80 -1.30
C ILE A 189 -5.99 6.90 -2.30
N SER A 190 -5.56 8.12 -2.54
CA SER A 190 -4.43 8.38 -3.40
C SER A 190 -3.71 9.59 -2.84
N ILE A 191 -2.37 9.53 -2.86
CA ILE A 191 -1.54 10.66 -2.42
C ILE A 191 -0.51 11.01 -3.52
N THR A 192 -0.52 12.26 -3.98
CA THR A 192 0.41 12.70 -5.02
C THR A 192 1.05 14.07 -4.75
N ARG A 193 2.15 14.33 -5.46
CA ARG A 193 2.93 15.53 -5.33
C ARG A 193 2.96 16.26 -6.64
N ASP A 194 3.00 17.58 -6.57
CA ASP A 194 3.36 18.41 -7.70
C ASP A 194 4.47 19.37 -7.28
N THR A 195 5.68 18.95 -7.60
CA THR A 195 6.91 19.62 -7.20
C THR A 195 6.97 21.09 -7.62
N SER A 196 6.54 21.37 -8.84
CA SER A 196 6.68 22.71 -9.39
C SER A 196 5.67 23.71 -8.81
N LYS A 197 4.71 23.21 -8.04
CA LYS A 197 3.72 24.09 -7.38
C LYS A 197 3.93 24.11 -5.87
N ASN A 198 4.76 23.19 -5.40
CA ASN A 198 5.00 22.96 -3.97
C ASN A 198 3.74 22.55 -3.21
N GLN A 199 3.03 21.60 -3.82
CA GLN A 199 1.78 21.06 -3.28
C GLN A 199 1.84 19.53 -3.20
N TYR A 200 1.08 18.98 -2.25
CA TYR A 200 0.74 17.58 -2.34
C TYR A 200 -0.75 17.40 -2.08
N TYR A 201 -1.28 16.24 -2.46
CA TYR A 201 -2.72 16.04 -2.61
C TYR A 201 -3.28 14.77 -1.97
N LEU A 202 -4.51 14.88 -1.47
CA LEU A 202 -5.22 13.72 -1.04
C LEU A 202 -6.43 13.52 -1.95
N ASP A 203 -6.63 12.30 -2.43
CA ASP A 203 -7.86 11.96 -3.12
C ASP A 203 -8.54 10.82 -2.39
N LEU A 204 -9.81 11.00 -2.08
CA LEU A 204 -10.58 9.98 -1.40
C LEU A 204 -11.86 9.70 -2.20
N ASN A 205 -11.88 8.56 -2.89
CA ASN A 205 -13.00 8.16 -3.75
C ASN A 205 -14.18 7.60 -2.97
N SER A 206 -15.38 7.73 -3.57
CA SER A 206 -16.59 7.08 -3.08
C SER A 206 -16.88 7.34 -1.60
N VAL A 207 -16.82 8.61 -1.19
CA VAL A 207 -17.11 8.95 0.21
C VAL A 207 -18.53 8.51 0.70
N THR A 208 -18.63 8.26 2.00
CA THR A 208 -19.88 7.94 2.65
C THR A 208 -19.92 8.84 3.88
N THR A 209 -21.02 8.85 4.60
CA THR A 209 -21.15 9.69 5.80
C THR A 209 -20.09 9.40 6.87
N GLU A 210 -19.54 8.19 6.83
CA GLU A 210 -18.41 7.81 7.69
C GLU A 210 -17.21 8.75 7.55
N ASP A 211 -17.03 9.36 6.38
CA ASP A 211 -15.82 10.11 6.08
C ASP A 211 -15.81 11.58 6.57
N THR A 212 -16.90 11.99 7.22
CA THR A 212 -16.98 13.28 7.89
C THR A 212 -15.94 13.29 8.99
N ALA A 213 -15.04 14.26 8.91
CA ALA A 213 -13.93 14.39 9.84
C ALA A 213 -13.19 15.70 9.59
N THR A 214 -12.26 16.03 10.48
CA THR A 214 -11.33 17.11 10.20
C THR A 214 -10.09 16.49 9.59
N TYR A 215 -9.66 17.06 8.48
CA TYR A 215 -8.48 16.60 7.77
C TYR A 215 -7.34 17.57 8.02
N TYR A 216 -6.18 16.98 8.33
CA TYR A 216 -4.94 17.73 8.60
C TYR A 216 -3.87 17.28 7.63
N CYS A 217 -3.11 18.20 7.07
CA CYS A 217 -1.87 17.78 6.45
C CYS A 217 -0.77 17.97 7.46
N ALA A 218 0.27 17.15 7.34
CA ALA A 218 1.45 17.24 8.21
C ALA A 218 2.67 16.61 7.53
N ASN A 219 3.84 17.12 7.89
CA ASN A 219 5.07 16.42 7.56
C ASN A 219 5.13 15.10 8.36
N TRP A 220 5.94 14.16 7.88
CA TRP A 220 6.07 12.86 8.53
C TRP A 220 6.57 12.96 9.99
N ASP A 221 7.44 13.92 10.29
CA ASP A 221 7.96 14.10 11.65
C ASP A 221 6.89 14.38 12.71
N GLY A 222 5.75 14.92 12.31
CA GLY A 222 4.74 15.40 13.24
C GLY A 222 5.07 16.75 13.86
N ASP A 223 6.12 17.40 13.36
CA ASP A 223 6.49 18.75 13.80
C ASP A 223 5.55 19.81 13.24
N TYR A 224 5.26 19.73 11.95
CA TYR A 224 4.44 20.75 11.32
C TYR A 224 3.12 20.22 10.85
N TRP A 225 2.05 20.90 11.29
CA TRP A 225 0.70 20.54 10.91
C TRP A 225 0.01 21.76 10.31
N GLY A 226 -0.87 21.54 9.33
CA GLY A 226 -1.78 22.57 8.89
C GLY A 226 -2.81 22.83 9.98
N GLN A 227 -3.72 23.74 9.73
CA GLN A 227 -4.69 24.11 10.76
C GLN A 227 -5.80 23.08 10.89
N GLY A 228 -5.98 22.28 9.85
CA GLY A 228 -7.07 21.32 9.78
C GLY A 228 -8.24 21.93 9.07
N THR A 229 -9.07 21.10 8.47
CA THR A 229 -10.24 21.59 7.77
C THR A 229 -11.40 20.61 7.88
N LEU A 230 -12.57 21.10 8.28
CA LEU A 230 -13.76 20.25 8.45
C LEU A 230 -14.40 19.91 7.12
N VAL A 231 -14.59 18.62 6.87
CA VAL A 231 -15.27 18.14 5.68
C VAL A 231 -16.48 17.31 6.10
N THR A 232 -17.68 17.74 5.68
CA THR A 232 -18.93 17.04 5.99
C THR A 232 -19.43 16.27 4.76
N VAL A 233 -19.83 15.02 4.96
CA VAL A 233 -20.50 14.24 3.91
C VAL A 233 -21.95 14.10 4.29
N SER A 234 -22.83 14.65 3.45
CA SER A 234 -24.25 14.80 3.80
C SER A 234 -25.19 14.59 2.62
N ALA A 235 -26.19 13.72 2.82
CA ALA A 235 -27.23 13.38 1.82
C ALA A 235 -27.86 14.60 1.11
N ALA A 236 -28.07 15.70 1.85
CA ALA A 236 -28.41 16.99 1.25
C ALA A 236 -27.12 17.67 0.74
N LYS B 1 33.15 6.99 19.62
CA LYS B 1 32.95 5.77 20.44
C LYS B 1 32.95 4.52 19.58
N VAL B 2 33.73 3.53 19.99
CA VAL B 2 33.81 2.24 19.29
C VAL B 2 33.04 1.20 20.08
N PHE B 3 32.17 0.48 19.41
CA PHE B 3 31.20 -0.40 20.07
C PHE B 3 31.64 -1.85 19.98
N GLY B 4 31.33 -2.62 21.02
CA GLY B 4 31.27 -4.06 20.88
C GLY B 4 30.00 -4.49 20.16
N ARG B 5 30.08 -5.56 19.40
CA ARG B 5 28.92 -6.13 18.73
C ARG B 5 27.70 -6.26 19.68
N CYS B 6 27.90 -6.94 20.82
CA CYS B 6 26.82 -7.17 21.79
C CYS B 6 26.35 -5.93 22.52
N GLU B 7 27.26 -4.99 22.64
CA GLU B 7 26.95 -3.72 23.27
C GLU B 7 26.11 -2.87 22.32
N LEU B 8 26.36 -2.98 21.02
CA LEU B 8 25.55 -2.28 20.05
C LEU B 8 24.17 -2.94 19.91
N ALA B 9 24.15 -4.26 19.76
CA ALA B 9 22.91 -5.04 19.78
C ALA B 9 21.92 -4.59 20.86
N ALA B 10 22.40 -4.45 22.10
CA ALA B 10 21.56 -4.05 23.22
C ALA B 10 21.16 -2.58 23.11
N ALA B 11 22.06 -1.74 22.62
CA ALA B 11 21.76 -0.32 22.47
C ALA B 11 20.63 -0.12 21.45
N MET B 12 20.79 -0.80 20.33
CA MET B 12 19.85 -0.73 19.23
C MET B 12 18.48 -1.28 19.65
N LYS B 13 18.50 -2.29 20.54
CA LYS B 13 17.26 -2.84 21.05
C LYS B 13 16.57 -1.85 21.98
N ARG B 14 17.38 -1.19 22.81
CA ARG B 14 16.92 -0.12 23.69
C ARG B 14 16.33 1.03 22.87
N HIS B 15 16.92 1.29 21.70
CA HIS B 15 16.49 2.35 20.79
C HIS B 15 15.40 1.92 19.78
N GLY B 16 14.77 0.77 20.02
CA GLY B 16 13.60 0.35 19.28
C GLY B 16 13.83 -0.10 17.85
N LEU B 17 14.90 -0.84 17.60
CA LEU B 17 15.17 -1.28 16.24
C LEU B 17 14.97 -2.78 16.05
N ASP B 18 14.67 -3.51 17.11
CA ASP B 18 14.25 -4.86 16.85
C ASP B 18 12.89 -4.82 16.16
N ASN B 19 12.81 -5.39 14.96
CA ASN B 19 11.54 -5.42 14.25
C ASN B 19 10.93 -4.02 13.96
N TYR B 20 11.76 -3.03 13.65
CA TYR B 20 11.25 -1.75 13.14
C TYR B 20 10.86 -1.87 11.68
N ARG B 21 9.58 -1.66 11.39
CA ARG B 21 9.04 -1.67 10.03
C ARG B 21 9.44 -2.88 9.23
N GLY B 22 9.41 -4.04 9.87
CA GLY B 22 9.69 -5.30 9.22
C GLY B 22 11.13 -5.76 9.17
N TYR B 23 12.05 -5.01 9.79
CA TYR B 23 13.47 -5.43 9.87
C TYR B 23 13.90 -5.92 11.28
N SER B 24 14.35 -7.16 11.38
CA SER B 24 14.87 -7.67 12.65
C SER B 24 16.24 -7.09 12.98
N LEU B 25 16.61 -7.20 14.25
CA LEU B 25 17.70 -6.46 14.86
C LEU B 25 19.08 -6.72 14.25
N GLY B 26 19.31 -7.94 13.80
CA GLY B 26 20.60 -8.32 13.22
C GLY B 26 20.89 -7.52 11.97
N ASN B 27 19.85 -7.13 11.24
CA ASN B 27 20.01 -6.23 10.08
C ASN B 27 20.77 -4.95 10.43
N TRP B 28 20.43 -4.33 11.55
CA TRP B 28 21.08 -3.07 11.92
C TRP B 28 22.48 -3.30 12.43
N VAL B 29 22.70 -4.42 13.12
CA VAL B 29 24.03 -4.69 13.67
C VAL B 29 25.00 -5.01 12.54
N CYS B 30 24.58 -5.89 11.64
CA CYS B 30 25.36 -6.18 10.46
C CYS B 30 25.74 -4.90 9.66
N ALA B 31 24.77 -4.04 9.42
CA ALA B 31 25.03 -2.84 8.62
C ALA B 31 26.03 -1.91 9.30
N ALA B 32 25.82 -1.65 10.60
CA ALA B 32 26.73 -0.83 11.38
C ALA B 32 28.17 -1.31 11.19
N LYS B 33 28.38 -2.62 11.30
CA LYS B 33 29.68 -3.24 11.13
C LYS B 33 30.30 -2.90 9.79
N PHE B 34 29.58 -3.19 8.71
CA PHE B 34 30.15 -3.00 7.39
C PHE B 34 30.13 -1.54 6.91
N GLU B 35 29.33 -0.71 7.57
CA GLU B 35 29.32 0.69 7.22
C GLU B 35 30.46 1.39 7.93
N SER B 36 30.53 1.25 9.24
CA SER B 36 31.43 2.10 10.00
C SER B 36 32.39 1.31 10.85
N ASN B 37 32.13 0.01 10.99
CA ASN B 37 32.89 -0.83 11.89
C ASN B 37 32.72 -0.50 13.39
N PHE B 38 31.50 -0.08 13.74
CA PHE B 38 31.00 0.14 15.12
C PHE B 38 31.46 1.44 15.75
N ASN B 39 31.96 2.33 14.90
CA ASN B 39 32.52 3.60 15.33
C ASN B 39 31.58 4.77 15.10
N THR B 40 31.08 5.35 16.18
CA THR B 40 30.12 6.45 16.06
C THR B 40 30.71 7.67 15.35
N GLN B 41 32.03 7.70 15.17
CA GLN B 41 32.67 8.92 14.69
C GLN B 41 33.29 8.79 13.31
N ALA B 42 33.06 7.65 12.67
CA ALA B 42 33.52 7.47 11.29
C ALA B 42 33.00 8.57 10.35
N THR B 43 33.88 9.09 9.51
CA THR B 43 33.51 10.02 8.45
C THR B 43 34.23 9.57 7.20
N ASN B 44 33.53 9.61 6.07
CA ASN B 44 34.07 9.25 4.76
C ASN B 44 33.58 10.21 3.70
N ARG B 45 34.51 10.95 3.09
CA ARG B 45 34.18 11.86 2.02
C ARG B 45 34.04 11.14 0.68
N ASN B 46 33.11 11.59 -0.14
CA ASN B 46 32.83 10.99 -1.44
C ASN B 46 33.31 11.86 -2.58
N THR B 47 33.63 11.20 -3.69
CA THR B 47 33.86 11.84 -5.01
C THR B 47 32.99 13.06 -5.32
N ASP B 48 31.69 12.98 -5.03
CA ASP B 48 30.75 14.08 -5.34
C ASP B 48 30.68 15.25 -4.33
N GLY B 49 31.54 15.22 -3.30
CA GLY B 49 31.59 16.28 -2.30
C GLY B 49 30.68 16.08 -1.09
N SER B 50 29.87 15.04 -1.12
CA SER B 50 29.12 14.66 0.07
C SER B 50 30.02 13.86 0.99
N THR B 51 29.61 13.74 2.25
CA THR B 51 30.34 12.95 3.26
C THR B 51 29.33 12.02 3.91
N ASP B 52 29.79 10.85 4.38
CA ASP B 52 28.98 9.96 5.21
C ASP B 52 29.37 10.08 6.68
N TYR B 53 28.37 10.08 7.55
CA TYR B 53 28.63 10.35 8.94
C TYR B 53 28.12 9.24 9.83
N GLY B 54 28.97 8.85 10.78
CA GLY B 54 28.55 8.07 11.92
C GLY B 54 28.50 6.57 11.71
N ILE B 55 27.92 5.90 12.68
CA ILE B 55 27.91 4.46 12.75
C ILE B 55 27.14 3.84 11.58
N LEU B 56 26.16 4.56 11.05
CA LEU B 56 25.43 4.08 9.87
C LEU B 56 25.85 4.77 8.58
N GLN B 57 26.87 5.61 8.62
CA GLN B 57 27.41 6.25 7.42
C GLN B 57 26.34 6.94 6.59
N ILE B 58 25.69 7.91 7.20
CA ILE B 58 24.56 8.56 6.59
C ILE B 58 25.05 9.74 5.74
N ASN B 59 24.53 9.83 4.52
CA ASN B 59 25.04 10.75 3.50
C ASN B 59 24.44 12.16 3.52
N SER B 60 25.30 13.16 3.34
CA SER B 60 24.96 14.59 3.42
C SER B 60 24.27 15.17 2.16
N ARG B 61 24.24 14.42 1.09
CA ARG B 61 23.48 14.81 -0.10
C ARG B 61 21.97 14.68 0.09
N TRP B 62 21.54 13.72 0.91
CA TRP B 62 20.12 13.47 1.10
C TRP B 62 19.64 13.80 2.50
N TRP B 63 20.41 13.40 3.51
CA TRP B 63 19.81 13.26 4.83
C TRP B 63 20.10 14.34 5.84
N CYS B 64 21.25 14.99 5.73
CA CYS B 64 21.66 15.97 6.73
C CYS B 64 22.42 17.14 6.12
N ASN B 65 22.53 18.20 6.90
CA ASN B 65 23.23 19.39 6.48
C ASN B 65 24.64 19.49 7.10
N ASP B 66 25.65 19.58 6.24
CA ASP B 66 27.01 19.85 6.70
C ASP B 66 27.55 21.21 6.21
N GLY B 67 26.72 21.96 5.47
CA GLY B 67 27.11 23.25 4.91
C GLY B 67 28.23 23.21 3.86
N ARG B 68 28.54 22.01 3.37
CA ARG B 68 29.65 21.75 2.44
C ARG B 68 29.17 21.14 1.12
N THR B 69 27.95 20.58 1.14
CA THR B 69 27.49 19.71 0.08
C THR B 69 26.51 20.43 -0.81
N PRO B 70 26.85 20.58 -2.12
CA PRO B 70 26.16 21.33 -3.19
C PRO B 70 24.61 21.42 -3.07
N GLY B 71 23.88 20.43 -3.60
CA GLY B 71 22.41 20.44 -3.56
C GLY B 71 21.73 19.66 -2.44
N SER B 72 22.43 19.48 -1.31
CA SER B 72 21.91 18.81 -0.10
C SER B 72 20.40 18.97 0.07
N ARG B 73 19.73 17.92 0.56
CA ARG B 73 18.27 17.92 0.71
C ARG B 73 17.77 17.90 2.15
N ASN B 74 18.63 17.52 3.09
CA ASN B 74 18.30 17.54 4.50
C ASN B 74 16.93 16.95 4.87
N LEU B 75 16.71 15.74 4.42
CA LEU B 75 15.48 15.02 4.73
C LEU B 75 15.29 14.68 6.23
N CYS B 76 16.39 14.44 6.94
CA CYS B 76 16.32 14.14 8.36
C CYS B 76 16.25 15.38 9.23
N ASN B 77 16.43 16.56 8.62
CA ASN B 77 16.30 17.83 9.32
C ASN B 77 17.24 17.92 10.49
N ILE B 78 18.52 17.65 10.25
CA ILE B 78 19.49 17.50 11.32
C ILE B 78 20.85 17.92 10.78
N PRO B 79 21.68 18.60 11.58
CA PRO B 79 23.03 18.85 11.07
C PRO B 79 23.87 17.56 11.19
N CYS B 80 24.81 17.34 10.27
CA CYS B 80 25.49 16.05 10.24
C CYS B 80 26.31 15.75 11.52
N SER B 81 26.75 16.78 12.24
CA SER B 81 27.47 16.56 13.49
C SER B 81 26.63 15.89 14.57
N ALA B 82 25.31 16.06 14.54
CA ALA B 82 24.45 15.32 15.48
C ALA B 82 24.64 13.82 15.27
N LEU B 83 25.02 13.44 14.07
CA LEU B 83 25.13 12.04 13.72
C LEU B 83 26.39 11.41 14.27
N LEU B 84 27.26 12.25 14.85
CA LEU B 84 28.58 11.80 15.33
C LEU B 84 28.67 11.38 16.80
N SER B 85 27.87 12.03 17.63
CA SER B 85 27.69 11.72 19.05
C SER B 85 27.95 10.28 19.51
N SER B 86 28.41 10.15 20.76
CA SER B 86 28.64 8.84 21.41
C SER B 86 27.31 8.15 21.66
N ASP B 87 26.31 8.97 21.93
CA ASP B 87 24.89 8.60 21.93
C ASP B 87 24.55 8.14 20.50
N ILE B 88 23.81 7.04 20.35
CA ILE B 88 23.40 6.64 18.98
C ILE B 88 22.03 7.21 18.59
N THR B 89 21.51 8.12 19.40
CA THR B 89 20.13 8.57 19.28
C THR B 89 19.79 9.18 17.93
N ALA B 90 20.50 10.24 17.56
CA ALA B 90 20.24 10.89 16.30
C ALA B 90 20.35 9.90 15.13
N SER B 91 21.43 9.12 15.10
CA SER B 91 21.65 8.17 14.01
C SER B 91 20.49 7.16 13.83
N VAL B 92 19.95 6.68 14.94
CA VAL B 92 18.82 5.77 14.92
C VAL B 92 17.53 6.46 14.38
N ASN B 93 17.26 7.67 14.86
CA ASN B 93 16.09 8.40 14.48
C ASN B 93 16.11 8.65 12.98
N CYS B 94 17.26 9.07 12.47
CA CYS B 94 17.42 9.32 11.05
C CYS B 94 17.36 8.04 10.21
N ALA B 95 17.92 6.94 10.71
CA ALA B 95 17.85 5.67 10.02
C ALA B 95 16.42 5.15 9.99
N LYS B 96 15.66 5.46 11.03
CA LYS B 96 14.25 5.08 11.03
C LYS B 96 13.48 5.79 9.92
N LYS B 97 13.82 7.05 9.67
CA LYS B 97 13.15 7.82 8.64
C LYS B 97 13.53 7.30 7.26
N ILE B 98 14.83 7.06 7.06
CA ILE B 98 15.36 6.50 5.82
C ILE B 98 14.64 5.20 5.49
N VAL B 99 14.47 4.35 6.48
CA VAL B 99 13.94 3.02 6.22
C VAL B 99 12.43 3.03 5.99
N SER B 100 11.77 4.10 6.43
CA SER B 100 10.33 4.26 6.20
C SER B 100 9.92 4.65 4.76
N ASP B 101 10.90 4.82 3.89
CA ASP B 101 10.63 4.94 2.47
C ASP B 101 10.65 3.55 1.81
N GLY B 102 10.03 3.45 0.63
CA GLY B 102 9.80 2.16 -0.03
C GLY B 102 11.05 1.34 -0.26
N ASN B 103 12.19 2.02 -0.45
CA ASN B 103 13.48 1.37 -0.61
C ASN B 103 13.94 0.63 0.66
N GLY B 104 13.44 1.03 1.81
CA GLY B 104 13.82 0.39 3.06
C GLY B 104 15.33 0.41 3.17
N MET B 105 15.91 -0.71 3.60
CA MET B 105 17.35 -0.75 3.87
C MET B 105 18.25 -0.82 2.64
N ASN B 106 17.66 -1.04 1.46
CA ASN B 106 18.43 -1.00 0.22
C ASN B 106 19.16 0.33 0.03
N ALA B 107 18.79 1.35 0.81
CA ALA B 107 19.57 2.61 0.81
C ALA B 107 21.08 2.40 1.15
N TRP B 108 21.38 1.46 2.04
CA TRP B 108 22.77 1.19 2.41
C TRP B 108 23.45 0.16 1.51
N VAL B 109 24.39 0.62 0.70
CA VAL B 109 25.15 -0.25 -0.21
C VAL B 109 25.76 -1.46 0.51
N ALA B 110 26.43 -1.20 1.63
CA ALA B 110 27.06 -2.24 2.42
C ALA B 110 26.06 -3.31 2.87
N TRP B 111 24.89 -2.88 3.32
CA TRP B 111 23.84 -3.82 3.72
C TRP B 111 23.41 -4.71 2.57
N ARG B 112 23.15 -4.12 1.39
CA ARG B 112 22.78 -4.89 0.18
C ARG B 112 23.80 -5.96 -0.14
N ASN B 113 25.08 -5.64 0.02
CA ASN B 113 26.15 -6.55 -0.39
C ASN B 113 26.57 -7.56 0.65
N ARG B 114 26.40 -7.21 1.92
CA ARG B 114 26.92 -8.04 3.00
C ARG B 114 25.85 -8.72 3.88
N CYS B 115 24.69 -8.08 4.08
CA CYS B 115 23.69 -8.58 5.04
C CYS B 115 22.46 -9.17 4.37
N LYS B 116 21.92 -8.45 3.37
CA LYS B 116 20.70 -8.86 2.67
C LYS B 116 20.82 -10.27 2.11
N GLY B 117 19.95 -11.15 2.57
CA GLY B 117 19.94 -12.54 2.12
C GLY B 117 20.70 -13.49 3.03
N THR B 118 21.60 -12.96 3.86
CA THR B 118 22.35 -13.80 4.80
C THR B 118 21.55 -14.04 6.07
N ASP B 119 22.03 -14.97 6.89
CA ASP B 119 21.49 -15.22 8.22
C ASP B 119 21.91 -14.09 9.20
N VAL B 120 21.21 -12.97 9.11
CA VAL B 120 21.56 -11.75 9.83
C VAL B 120 21.37 -11.90 11.32
N GLN B 121 20.50 -12.81 11.73
CA GLN B 121 20.26 -13.01 13.14
C GLN B 121 21.51 -13.52 13.85
N ALA B 122 22.39 -14.18 13.11
CA ALA B 122 23.73 -14.53 13.61
C ALA B 122 24.41 -13.39 14.38
N TRP B 123 24.22 -12.15 13.92
CA TRP B 123 24.85 -10.99 14.53
C TRP B 123 24.40 -10.67 15.95
N ILE B 124 23.31 -11.29 16.40
CA ILE B 124 22.84 -11.10 17.79
C ILE B 124 22.99 -12.35 18.67
N ARG B 125 23.47 -13.45 18.11
CA ARG B 125 23.82 -14.66 18.88
C ARG B 125 24.97 -14.42 19.85
N GLY B 126 24.80 -14.87 21.09
CA GLY B 126 25.78 -14.64 22.13
C GLY B 126 25.33 -13.72 23.26
N CYS B 127 24.62 -12.65 22.93
CA CYS B 127 24.35 -11.59 23.92
C CYS B 127 23.07 -11.81 24.72
N ARG B 128 23.06 -11.30 25.96
CA ARG B 128 21.84 -11.27 26.77
C ARG B 128 21.03 -10.06 26.31
N LEU B 129 19.78 -10.27 25.92
CA LEU B 129 18.93 -9.16 25.46
C LEU B 129 17.67 -8.93 26.32
N ASP C 1 -11.28 -8.02 4.67
CA ASP C 1 -11.25 -8.36 3.22
C ASP C 1 -12.48 -9.14 2.79
N ILE C 2 -12.70 -9.22 1.49
CA ILE C 2 -13.76 -10.06 0.96
C ILE C 2 -13.37 -11.51 1.18
N VAL C 3 -14.31 -12.29 1.71
CA VAL C 3 -14.14 -13.73 1.91
C VAL C 3 -14.91 -14.47 0.82
N LEU C 4 -14.26 -15.44 0.18
CA LEU C 4 -14.90 -16.27 -0.83
C LEU C 4 -15.05 -17.71 -0.37
N THR C 5 -16.28 -18.21 -0.34
CA THR C 5 -16.56 -19.56 0.18
C THR C 5 -16.94 -20.55 -0.91
N GLN C 6 -16.13 -21.58 -1.09
CA GLN C 6 -16.37 -22.59 -2.09
C GLN C 6 -16.99 -23.84 -1.50
N SER C 7 -17.96 -24.44 -2.18
CA SER C 7 -18.46 -25.77 -1.82
C SER C 7 -18.80 -26.57 -3.08
N PRO C 8 -18.70 -27.91 -3.00
CA PRO C 8 -18.19 -28.64 -1.82
C PRO C 8 -16.68 -28.57 -1.79
N ALA C 9 -16.07 -28.99 -0.68
CA ALA C 9 -14.62 -28.97 -0.58
C ALA C 9 -13.98 -29.99 -1.53
N THR C 10 -14.59 -31.17 -1.66
CA THR C 10 -14.17 -32.12 -2.70
C THR C 10 -15.38 -32.74 -3.40
N LEU C 11 -15.17 -33.20 -4.62
CA LEU C 11 -16.25 -33.76 -5.42
C LEU C 11 -15.77 -34.97 -6.23
N SER C 12 -16.48 -36.09 -6.10
CA SER C 12 -16.26 -37.30 -6.91
C SER C 12 -17.15 -37.32 -8.16
N VAL C 13 -16.58 -37.68 -9.30
CA VAL C 13 -17.40 -37.76 -10.52
C VAL C 13 -16.85 -38.77 -11.54
N THR C 14 -17.74 -39.52 -12.20
CA THR C 14 -17.42 -40.37 -13.35
C THR C 14 -17.27 -39.49 -14.59
N PRO C 15 -16.34 -39.83 -15.49
CA PRO C 15 -16.22 -39.10 -16.76
C PRO C 15 -17.51 -39.14 -17.56
N GLY C 16 -17.76 -38.10 -18.35
CA GLY C 16 -18.99 -38.01 -19.13
C GLY C 16 -20.08 -37.23 -18.42
N ASN C 17 -20.06 -37.26 -17.09
CA ASN C 17 -21.02 -36.54 -16.27
C ASN C 17 -20.69 -35.07 -16.15
N SER C 18 -21.67 -34.30 -15.69
CA SER C 18 -21.54 -32.86 -15.57
C SER C 18 -21.64 -32.41 -14.11
N VAL C 19 -20.84 -31.40 -13.73
CA VAL C 19 -20.80 -30.91 -12.34
C VAL C 19 -20.93 -29.39 -12.21
N SER C 20 -21.29 -28.95 -11.01
CA SER C 20 -21.44 -27.55 -10.70
C SER C 20 -20.72 -27.18 -9.43
N LEU C 21 -19.70 -26.33 -9.56
CA LEU C 21 -18.98 -25.85 -8.40
C LEU C 21 -19.52 -24.48 -8.03
N SER C 22 -19.50 -24.18 -6.74
CA SER C 22 -20.12 -22.99 -6.22
C SER C 22 -19.13 -22.08 -5.48
N CYS C 23 -19.30 -20.77 -5.64
CA CYS C 23 -18.48 -19.80 -4.91
C CYS C 23 -19.41 -18.70 -4.41
N ARG C 24 -19.42 -18.46 -3.10
CA ARG C 24 -20.17 -17.32 -2.58
C ARG C 24 -19.30 -16.32 -1.82
N ALA C 25 -19.61 -15.04 -2.02
CA ALA C 25 -18.76 -13.96 -1.54
C ALA C 25 -19.36 -13.24 -0.33
N SER C 26 -18.53 -12.93 0.64
CA SER C 26 -18.96 -12.22 1.84
C SER C 26 -19.58 -10.86 1.52
N GLN C 27 -19.21 -10.27 0.38
CA GLN C 27 -19.94 -9.09 -0.10
C GLN C 27 -19.99 -8.94 -1.60
N SER C 28 -20.71 -7.91 -2.04
CA SER C 28 -21.06 -7.71 -3.45
C SER C 28 -19.86 -7.38 -4.31
N ILE C 29 -19.68 -8.15 -5.38
CA ILE C 29 -18.50 -8.01 -6.24
C ILE C 29 -18.78 -7.96 -7.75
N GLY C 30 -20.03 -7.70 -8.11
CA GLY C 30 -20.40 -7.50 -9.53
C GLY C 30 -20.13 -8.73 -10.34
N ASN C 31 -19.32 -8.59 -11.39
CA ASN C 31 -18.89 -9.75 -12.15
C ASN C 31 -17.40 -10.12 -11.90
N ASN C 32 -16.82 -9.63 -10.81
CA ASN C 32 -15.36 -9.63 -10.69
C ASN C 32 -14.80 -10.87 -9.99
N LEU C 33 -15.03 -12.01 -10.63
CA LEU C 33 -14.85 -13.32 -10.03
C LEU C 33 -14.30 -14.22 -11.10
N HIS C 34 -13.17 -14.84 -10.84
CA HIS C 34 -12.48 -15.64 -11.84
C HIS C 34 -12.24 -17.08 -11.36
N TRP C 35 -12.13 -18.02 -12.29
CA TRP C 35 -11.93 -19.42 -11.97
C TRP C 35 -10.60 -19.93 -12.50
N TYR C 36 -9.80 -20.51 -11.61
CA TYR C 36 -8.60 -21.21 -12.03
C TYR C 36 -8.70 -22.72 -11.83
N GLN C 37 -8.03 -23.43 -12.72
CA GLN C 37 -7.82 -24.86 -12.57
C GLN C 37 -6.33 -25.09 -12.25
N GLN C 38 -6.04 -25.95 -11.28
CA GLN C 38 -4.67 -26.40 -11.08
C GLN C 38 -4.51 -27.93 -11.05
N LYS C 39 -3.90 -28.48 -12.09
CA LYS C 39 -3.63 -29.91 -12.20
C LYS C 39 -2.41 -30.31 -11.37
N SER C 40 -2.36 -31.60 -11.01
CA SER C 40 -1.24 -32.19 -10.23
C SER C 40 0.14 -31.60 -10.58
N HIS C 41 0.73 -30.94 -9.59
CA HIS C 41 1.94 -30.12 -9.78
C HIS C 41 2.13 -29.58 -11.22
N GLU C 42 1.29 -28.58 -11.51
CA GLU C 42 1.49 -27.61 -12.58
C GLU C 42 1.08 -26.27 -11.99
N SER C 43 1.33 -25.19 -12.71
CA SER C 43 0.87 -23.90 -12.24
C SER C 43 -0.59 -23.72 -12.64
N PRO C 44 -1.34 -22.87 -11.91
CA PRO C 44 -2.75 -22.62 -12.24
C PRO C 44 -3.00 -22.11 -13.66
N ARG C 45 -4.19 -22.40 -14.17
CA ARG C 45 -4.64 -21.99 -15.48
C ARG C 45 -5.99 -21.28 -15.38
N LEU C 46 -6.09 -20.09 -15.95
CA LEU C 46 -7.32 -19.32 -15.97
C LEU C 46 -8.31 -20.01 -16.90
N LEU C 47 -9.50 -20.31 -16.37
CA LEU C 47 -10.57 -20.98 -17.12
C LEU C 47 -11.65 -20.00 -17.54
N ILE C 48 -12.12 -19.21 -16.58
CA ILE C 48 -13.19 -18.28 -16.82
C ILE C 48 -12.77 -16.94 -16.22
N LYS C 49 -12.99 -15.86 -16.97
CA LYS C 49 -12.81 -14.53 -16.44
C LYS C 49 -14.15 -13.81 -16.31
N TYR C 50 -14.20 -12.91 -15.32
CA TYR C 50 -15.35 -12.05 -15.06
C TYR C 50 -16.65 -12.83 -15.08
N ALA C 51 -16.68 -13.89 -14.27
CA ALA C 51 -17.88 -14.68 -14.04
C ALA C 51 -18.35 -15.58 -15.19
N SER C 52 -18.42 -15.06 -16.42
CA SER C 52 -18.96 -15.84 -17.53
C SER C 52 -18.26 -15.74 -18.89
N GLN C 53 -17.15 -15.00 -18.96
CA GLN C 53 -16.42 -14.81 -20.22
C GLN C 53 -15.43 -15.93 -20.50
N SER C 54 -15.48 -16.44 -21.73
CA SER C 54 -14.53 -17.47 -22.20
C SER C 54 -13.13 -16.93 -22.40
N ILE C 55 -12.19 -17.87 -22.35
CA ILE C 55 -10.81 -17.61 -22.74
C ILE C 55 -10.51 -18.43 -23.98
N SER C 56 -9.89 -17.76 -24.95
CA SER C 56 -9.32 -18.43 -26.11
C SER C 56 -8.42 -19.60 -25.69
N GLY C 57 -8.68 -20.79 -26.26
CA GLY C 57 -7.90 -21.99 -25.93
C GLY C 57 -8.41 -22.85 -24.78
N ILE C 58 -9.51 -22.45 -24.15
CA ILE C 58 -10.13 -23.24 -23.10
C ILE C 58 -11.32 -23.99 -23.69
N PRO C 59 -11.43 -25.31 -23.41
CA PRO C 59 -12.56 -26.10 -23.95
C PRO C 59 -13.90 -25.49 -23.55
N SER C 60 -14.81 -25.39 -24.51
CA SER C 60 -16.11 -24.75 -24.26
C SER C 60 -17.02 -25.50 -23.31
N ARG C 61 -16.59 -26.67 -22.86
CA ARG C 61 -17.37 -27.43 -21.89
C ARG C 61 -17.32 -26.78 -20.49
N PHE C 62 -16.39 -25.83 -20.31
CA PHE C 62 -16.37 -25.00 -19.12
C PHE C 62 -17.19 -23.76 -19.34
N SER C 63 -17.97 -23.37 -18.33
CA SER C 63 -18.73 -22.11 -18.37
C SER C 63 -19.12 -21.64 -16.98
N GLY C 64 -19.34 -20.34 -16.83
CA GLY C 64 -19.66 -19.78 -15.52
C GLY C 64 -20.93 -18.95 -15.52
N SER C 65 -21.48 -18.71 -14.33
CA SER C 65 -22.58 -17.78 -14.18
C SER C 65 -22.72 -17.29 -12.75
N GLY C 66 -23.59 -16.32 -12.57
CA GLY C 66 -23.77 -15.67 -11.28
C GLY C 66 -23.35 -14.22 -11.33
N SER C 67 -23.72 -13.48 -10.30
CA SER C 67 -23.26 -12.12 -10.08
C SER C 67 -23.54 -11.76 -8.63
N GLY C 68 -23.08 -10.60 -8.20
CA GLY C 68 -23.21 -10.16 -6.81
C GLY C 68 -22.46 -11.02 -5.81
N THR C 69 -23.12 -12.07 -5.33
CA THR C 69 -22.52 -12.93 -4.30
C THR C 69 -22.61 -14.44 -4.57
N ASP C 70 -23.32 -14.85 -5.63
CA ASP C 70 -23.38 -16.28 -6.03
C ASP C 70 -22.82 -16.52 -7.41
N PHE C 71 -21.90 -17.47 -7.50
CA PHE C 71 -21.22 -17.74 -8.76
C PHE C 71 -21.10 -19.24 -8.92
N THR C 72 -21.24 -19.72 -10.14
CA THR C 72 -21.13 -21.15 -10.42
C THR C 72 -20.11 -21.38 -11.51
N LEU C 73 -19.37 -22.48 -11.42
CA LEU C 73 -18.56 -22.96 -12.54
C LEU C 73 -19.13 -24.30 -12.98
N SER C 74 -19.48 -24.41 -14.25
CA SER C 74 -20.09 -25.63 -14.77
C SER C 74 -19.16 -26.31 -15.72
N ILE C 75 -18.91 -27.58 -15.45
CA ILE C 75 -18.10 -28.40 -16.33
C ILE C 75 -19.00 -29.44 -16.95
N ASN C 76 -19.21 -29.28 -18.25
CA ASN C 76 -20.01 -30.17 -19.05
C ASN C 76 -19.19 -31.40 -19.40
N SER C 77 -19.73 -32.58 -19.12
CA SER C 77 -19.12 -33.81 -19.64
C SER C 77 -17.62 -33.89 -19.28
N VAL C 78 -17.36 -34.06 -18.00
CA VAL C 78 -16.01 -34.07 -17.44
C VAL C 78 -15.12 -35.14 -18.09
N GLU C 79 -13.87 -34.80 -18.43
CA GLU C 79 -12.85 -35.79 -18.81
C GLU C 79 -11.94 -36.12 -17.62
N THR C 80 -11.10 -37.13 -17.77
CA THR C 80 -10.20 -37.55 -16.69
C THR C 80 -9.07 -36.52 -16.43
N GLU C 81 -8.79 -35.68 -17.42
CA GLU C 81 -7.81 -34.59 -17.30
C GLU C 81 -8.26 -33.55 -16.27
N ASP C 82 -9.55 -33.52 -15.98
CA ASP C 82 -10.14 -32.44 -15.19
C ASP C 82 -9.85 -32.55 -13.69
N PHE C 83 -9.21 -33.64 -13.26
CA PHE C 83 -8.89 -33.80 -11.84
C PHE C 83 -7.90 -32.72 -11.40
N GLY C 84 -8.20 -32.06 -10.29
CA GLY C 84 -7.29 -31.06 -9.77
C GLY C 84 -7.98 -30.18 -8.77
N MET C 85 -7.43 -28.98 -8.59
CA MET C 85 -8.03 -28.02 -7.69
C MET C 85 -8.70 -26.94 -8.50
N TYR C 86 -9.81 -26.43 -8.00
CA TYR C 86 -10.47 -25.32 -8.64
C TYR C 86 -10.62 -24.18 -7.67
N PHE C 87 -10.09 -23.03 -8.06
CA PHE C 87 -10.13 -21.85 -7.19
C PHE C 87 -10.90 -20.69 -7.82
N CYS C 88 -11.72 -20.01 -7.03
CA CYS C 88 -12.28 -18.75 -7.43
C CYS C 88 -11.38 -17.62 -6.91
N GLN C 89 -11.34 -16.48 -7.60
CA GLN C 89 -10.59 -15.29 -7.18
C GLN C 89 -11.38 -14.00 -7.48
N GLN C 90 -11.42 -13.08 -6.54
CA GLN C 90 -12.08 -11.81 -6.80
C GLN C 90 -11.07 -10.68 -7.04
N SER C 91 -11.44 -9.75 -7.90
CA SER C 91 -10.56 -8.65 -8.28
C SER C 91 -11.29 -7.31 -8.15
N ASN C 92 -12.33 -7.32 -7.32
CA ASN C 92 -13.20 -6.19 -7.16
C ASN C 92 -12.58 -5.17 -6.22
N SER C 93 -12.04 -5.67 -5.10
CA SER C 93 -11.39 -4.84 -4.10
C SER C 93 -9.99 -5.33 -3.81
N TRP C 94 -9.12 -4.40 -3.43
CA TRP C 94 -7.77 -4.73 -2.97
C TRP C 94 -7.75 -4.93 -1.46
N PRO C 95 -7.21 -6.06 -0.98
CA PRO C 95 -6.50 -7.13 -1.72
C PRO C 95 -7.41 -8.11 -2.45
N TYR C 96 -6.97 -8.55 -3.63
CA TYR C 96 -7.55 -9.72 -4.27
C TYR C 96 -7.49 -10.89 -3.29
N THR C 97 -8.42 -11.82 -3.39
CA THR C 97 -8.47 -12.97 -2.50
C THR C 97 -8.98 -14.18 -3.25
N PHE C 98 -8.59 -15.37 -2.79
CA PHE C 98 -8.95 -16.63 -3.40
C PHE C 98 -9.93 -17.41 -2.49
N GLY C 99 -10.71 -18.30 -3.08
CA GLY C 99 -11.50 -19.25 -2.30
C GLY C 99 -10.65 -20.41 -1.77
N GLY C 100 -11.25 -21.26 -0.93
CA GLY C 100 -10.56 -22.38 -0.31
C GLY C 100 -10.16 -23.45 -1.29
N GLY C 101 -10.76 -23.44 -2.47
CA GLY C 101 -10.53 -24.50 -3.44
C GLY C 101 -11.57 -25.61 -3.41
N THR C 102 -11.74 -26.24 -4.56
CA THR C 102 -12.56 -27.45 -4.69
C THR C 102 -11.71 -28.50 -5.38
N LYS C 103 -11.51 -29.65 -4.74
CA LYS C 103 -10.84 -30.75 -5.40
C LYS C 103 -11.83 -31.55 -6.22
N LEU C 104 -11.56 -31.70 -7.51
CA LEU C 104 -12.31 -32.61 -8.35
C LEU C 104 -11.59 -33.95 -8.44
N GLU C 105 -12.23 -34.97 -7.90
CA GLU C 105 -11.72 -36.34 -7.95
C GLU C 105 -12.47 -37.15 -8.98
N ILE C 106 -11.73 -38.02 -9.66
CA ILE C 106 -12.23 -38.66 -10.87
C ILE C 106 -11.52 -39.99 -11.16
N THR C 107 -12.13 -41.15 -10.89
CA THR C 107 -13.27 -41.36 -9.98
C THR C 107 -13.16 -42.78 -9.42
N ASP C 123 5.50 -16.10 -27.65
CA ASP C 123 4.69 -16.30 -26.44
C ASP C 123 5.53 -16.16 -25.16
N ILE C 124 4.95 -15.51 -24.12
CA ILE C 124 5.71 -15.21 -22.88
C ILE C 124 5.88 -16.38 -21.86
N GLN C 125 7.09 -16.55 -21.34
CA GLN C 125 7.37 -17.56 -20.28
C GLN C 125 7.94 -16.87 -19.05
N LEU C 126 7.56 -17.34 -17.87
CA LEU C 126 8.04 -16.80 -16.59
C LEU C 126 8.72 -17.90 -15.76
N GLN C 127 9.84 -17.58 -15.11
CA GLN C 127 10.47 -18.52 -14.19
C GLN C 127 10.90 -17.85 -12.91
N GLU C 128 10.55 -18.46 -11.78
CA GLU C 128 11.00 -17.98 -10.47
C GLU C 128 12.32 -18.63 -10.13
N SER C 129 13.18 -17.88 -9.48
CA SER C 129 14.33 -18.46 -8.79
C SER C 129 14.51 -17.84 -7.41
N GLY C 130 15.16 -18.59 -6.54
CA GLY C 130 15.43 -18.10 -5.21
C GLY C 130 15.94 -19.22 -4.33
N PRO C 131 16.31 -18.88 -3.08
CA PRO C 131 16.79 -19.89 -2.15
C PRO C 131 15.69 -20.92 -1.82
N SER C 132 16.08 -22.17 -1.60
CA SER C 132 15.18 -23.24 -1.13
C SER C 132 14.97 -23.16 0.36
N LEU C 133 16.02 -22.75 1.06
CA LEU C 133 16.05 -22.82 2.50
C LEU C 133 16.57 -21.51 3.07
N VAL C 134 15.87 -20.97 4.06
CA VAL C 134 16.19 -19.67 4.63
C VAL C 134 16.04 -19.74 6.14
N LYS C 135 16.83 -18.96 6.87
CA LYS C 135 16.70 -18.98 8.32
C LYS C 135 15.62 -18.00 8.73
N PRO C 136 15.12 -18.08 9.99
CA PRO C 136 14.15 -17.06 10.44
C PRO C 136 14.79 -15.68 10.52
N SER C 137 13.96 -14.64 10.46
CA SER C 137 14.43 -13.25 10.54
C SER C 137 15.19 -12.71 9.33
N GLN C 138 15.52 -13.56 8.37
CA GLN C 138 16.23 -13.10 7.20
C GLN C 138 15.33 -12.53 6.07
N THR C 139 15.97 -11.99 5.05
CA THR C 139 15.27 -11.46 3.91
C THR C 139 15.26 -12.49 2.77
N LEU C 140 14.04 -12.83 2.33
CA LEU C 140 13.82 -13.68 1.16
C LEU C 140 13.82 -12.83 -0.08
N SER C 141 14.59 -13.23 -1.07
CA SER C 141 14.65 -12.50 -2.34
C SER C 141 14.45 -13.41 -3.51
N LEU C 142 13.41 -13.14 -4.29
CA LEU C 142 13.10 -13.94 -5.46
C LEU C 142 13.23 -13.15 -6.73
N THR C 143 13.52 -13.84 -7.83
CA THR C 143 13.59 -13.24 -9.14
C THR C 143 12.60 -13.97 -10.03
N CYS C 144 11.93 -13.21 -10.89
CA CYS C 144 11.11 -13.75 -11.91
C CYS C 144 11.70 -13.25 -13.22
N SER C 145 12.13 -14.21 -14.06
CA SER C 145 12.54 -13.92 -15.42
C SER C 145 11.36 -13.89 -16.36
N VAL C 146 11.29 -12.84 -17.15
CA VAL C 146 10.26 -12.68 -18.14
C VAL C 146 10.88 -12.82 -19.52
N THR C 147 10.43 -13.85 -20.24
CA THR C 147 10.93 -14.16 -21.58
C THR C 147 9.87 -13.98 -22.66
N GLY C 148 10.28 -13.53 -23.85
CA GLY C 148 9.33 -13.38 -24.95
C GLY C 148 8.76 -12.00 -25.24
N ASP C 149 8.89 -11.08 -24.28
CA ASP C 149 8.30 -9.73 -24.40
C ASP C 149 8.75 -8.82 -23.22
N SER C 150 8.41 -7.54 -23.37
CA SER C 150 8.45 -6.50 -22.33
C SER C 150 8.45 -5.20 -23.11
N ILE C 151 7.70 -4.20 -22.67
CA ILE C 151 6.72 -4.28 -21.57
C ILE C 151 7.22 -4.64 -20.15
N THR C 152 8.34 -4.00 -19.85
CA THR C 152 8.62 -3.48 -18.54
C THR C 152 7.28 -3.00 -17.91
N SER C 153 6.58 -2.11 -18.62
CA SER C 153 5.43 -1.33 -18.09
C SER C 153 4.17 -2.12 -17.70
N ASP C 154 4.06 -3.35 -18.18
CA ASP C 154 2.89 -4.21 -17.95
C ASP C 154 2.79 -4.54 -16.47
N TYR C 155 1.67 -5.12 -16.04
CA TYR C 155 1.47 -5.36 -14.61
C TYR C 155 1.96 -6.75 -14.20
N TRP C 156 2.76 -6.78 -13.14
CA TRP C 156 3.40 -8.01 -12.69
C TRP C 156 3.10 -8.30 -11.22
N SER C 157 2.83 -9.57 -10.93
CA SER C 157 2.33 -9.97 -9.62
C SER C 157 3.14 -11.09 -8.97
N TRP C 158 2.98 -11.20 -7.65
CA TRP C 158 3.50 -12.30 -6.87
C TRP C 158 2.39 -12.95 -6.04
N ILE C 159 2.35 -14.27 -6.08
CA ILE C 159 1.33 -15.08 -5.44
C ILE C 159 2.01 -16.27 -4.74
N ARG C 160 1.56 -16.58 -3.53
CA ARG C 160 2.09 -17.74 -2.83
C ARG C 160 1.01 -18.72 -2.38
N LYS C 161 1.39 -19.98 -2.27
CA LYS C 161 0.44 -21.03 -1.86
C LYS C 161 0.91 -21.75 -0.59
N PHE C 162 0.12 -21.68 0.46
CA PHE C 162 0.50 -22.25 1.72
C PHE C 162 0.23 -23.77 1.74
N PRO C 163 0.87 -24.50 2.67
CA PRO C 163 0.69 -25.94 2.90
C PRO C 163 -0.74 -26.44 2.73
N GLY C 164 -1.70 -25.85 3.42
CA GLY C 164 -3.09 -26.34 3.34
C GLY C 164 -3.88 -26.00 2.08
N ASN C 165 -3.19 -25.78 0.95
CA ASN C 165 -3.82 -25.34 -0.31
C ASN C 165 -4.38 -23.90 -0.28
N ARG C 166 -4.00 -23.12 0.72
CA ARG C 166 -4.46 -21.74 0.87
C ARG C 166 -3.66 -20.77 0.00
N LEU C 167 -4.34 -20.13 -0.94
CA LEU C 167 -3.70 -19.18 -1.83
C LEU C 167 -3.79 -17.74 -1.32
N GLU C 168 -2.67 -17.03 -1.42
CA GLU C 168 -2.59 -15.63 -1.03
C GLU C 168 -1.95 -14.82 -2.15
N TYR C 169 -2.63 -13.74 -2.54
CA TYR C 169 -2.13 -12.81 -3.55
C TYR C 169 -1.30 -11.77 -2.79
N MET C 170 -0.04 -11.60 -3.16
CA MET C 170 0.86 -10.78 -2.35
C MET C 170 0.94 -9.32 -2.79
N GLY C 171 0.90 -9.11 -4.10
CA GLY C 171 0.86 -7.76 -4.66
C GLY C 171 1.24 -7.73 -6.12
N TYR C 172 1.26 -6.53 -6.68
CA TYR C 172 1.60 -6.33 -8.07
C TYR C 172 2.10 -4.92 -8.28
N VAL C 173 2.90 -4.75 -9.33
CA VAL C 173 3.34 -3.42 -9.75
C VAL C 173 2.75 -3.10 -11.13
N SER C 174 2.24 -1.88 -11.30
CA SER C 174 1.57 -1.50 -12.55
C SER C 174 2.38 -0.56 -13.45
N TYR C 175 1.81 -0.17 -14.59
CA TYR C 175 2.49 0.73 -15.56
C TYR C 175 3.22 1.93 -14.91
N SER C 176 2.62 2.62 -13.94
CA SER C 176 3.24 3.83 -13.37
C SER C 176 4.40 3.54 -12.41
N GLY C 177 4.57 2.28 -12.01
CA GLY C 177 5.48 1.91 -10.92
C GLY C 177 4.79 1.82 -9.57
N SER C 178 3.57 2.33 -9.48
CA SER C 178 2.77 2.13 -8.26
C SER C 178 2.61 0.63 -7.93
N THR C 179 2.62 0.32 -6.63
CA THR C 179 2.55 -1.07 -6.16
C THR C 179 1.31 -1.23 -5.29
N TYR C 180 0.86 -2.46 -5.16
CA TYR C 180 -0.21 -2.79 -4.23
C TYR C 180 0.18 -4.04 -3.52
N TYR C 181 0.25 -3.94 -2.19
CA TYR C 181 0.71 -5.03 -1.33
C TYR C 181 -0.45 -5.49 -0.46
N ASN C 182 -0.52 -6.78 -0.18
CA ASN C 182 -1.58 -7.32 0.65
C ASN C 182 -1.33 -6.87 2.07
N PRO C 183 -2.32 -6.24 2.72
CA PRO C 183 -2.10 -5.76 4.11
C PRO C 183 -1.72 -6.84 5.15
N SER C 184 -1.93 -8.11 4.85
CA SER C 184 -1.44 -9.20 5.73
C SER C 184 0.09 -9.26 5.86
N LEU C 185 0.79 -8.78 4.85
CA LEU C 185 2.23 -8.79 4.86
C LEU C 185 2.81 -7.51 5.48
N LYS C 186 1.94 -6.69 6.08
CA LYS C 186 2.33 -5.46 6.84
C LYS C 186 3.71 -4.96 6.47
N SER C 187 3.87 -4.28 5.34
CA SER C 187 5.15 -3.61 5.03
C SER C 187 6.45 -4.44 5.02
N ARG C 188 6.38 -5.77 5.04
CA ARG C 188 7.61 -6.57 4.94
C ARG C 188 7.97 -6.85 3.50
N ILE C 189 7.15 -6.34 2.58
CA ILE C 189 7.20 -6.75 1.19
C ILE C 189 7.51 -5.63 0.23
N SER C 190 8.29 -5.97 -0.78
CA SER C 190 8.73 -5.02 -1.73
C SER C 190 8.73 -5.71 -3.08
N ILE C 191 8.16 -5.05 -4.08
CA ILE C 191 8.16 -5.56 -5.45
C ILE C 191 8.73 -4.49 -6.36
N THR C 192 9.77 -4.84 -7.11
CA THR C 192 10.37 -3.85 -7.98
C THR C 192 10.74 -4.47 -9.32
N ARG C 193 10.73 -3.65 -10.37
CA ARG C 193 11.18 -4.07 -11.68
C ARG C 193 12.63 -3.70 -11.92
N ASP C 194 13.30 -4.54 -12.68
CA ASP C 194 14.58 -4.22 -13.28
C ASP C 194 14.23 -3.91 -14.74
N THR C 195 14.00 -2.63 -15.02
CA THR C 195 13.61 -2.21 -16.37
C THR C 195 14.78 -2.37 -17.37
N SER C 196 16.01 -2.16 -16.88
CA SER C 196 17.19 -2.42 -17.70
C SER C 196 17.42 -3.88 -18.15
N LYS C 197 16.84 -4.88 -17.47
CA LYS C 197 17.28 -6.28 -17.69
C LYS C 197 16.16 -7.36 -17.62
N ASN C 198 14.90 -6.92 -17.54
CA ASN C 198 13.78 -7.80 -17.90
C ASN C 198 13.47 -8.98 -16.98
N GLN C 199 13.43 -8.64 -15.72
CA GLN C 199 13.07 -9.55 -14.66
C GLN C 199 12.51 -8.62 -13.61
N TYR C 200 11.76 -9.16 -12.67
CA TYR C 200 11.33 -8.33 -11.58
C TYR C 200 11.51 -9.12 -10.30
N TYR C 201 11.39 -8.41 -9.17
CA TYR C 201 11.85 -8.94 -7.90
C TYR C 201 10.76 -8.94 -6.85
N LEU C 202 10.91 -9.87 -5.91
CA LEU C 202 10.14 -9.83 -4.69
C LEU C 202 11.12 -9.90 -3.54
N ASP C 203 10.91 -9.02 -2.57
CA ASP C 203 11.62 -9.07 -1.31
C ASP C 203 10.65 -9.26 -0.13
N LEU C 204 11.01 -10.13 0.80
CA LEU C 204 10.21 -10.31 1.99
C LEU C 204 11.12 -10.35 3.22
N ASN C 205 11.00 -9.34 4.09
CA ASN C 205 11.92 -9.20 5.22
C ASN C 205 11.39 -9.97 6.41
N SER C 206 12.29 -10.34 7.32
CA SER C 206 11.95 -10.97 8.60
C SER C 206 11.07 -12.20 8.44
N VAL C 207 11.52 -13.19 7.67
CA VAL C 207 10.70 -14.39 7.49
C VAL C 207 10.52 -15.14 8.82
N THR C 208 9.33 -15.72 8.99
CA THR C 208 9.09 -16.72 10.02
C THR C 208 8.67 -18.03 9.35
N THR C 209 8.42 -19.05 10.17
CA THR C 209 7.97 -20.36 9.65
C THR C 209 6.63 -20.26 8.92
N GLU C 210 5.79 -19.30 9.31
CA GLU C 210 4.52 -19.01 8.62
C GLU C 210 4.72 -18.66 7.13
N ASP C 211 5.95 -18.28 6.75
CA ASP C 211 6.25 -17.89 5.39
C ASP C 211 6.63 -19.03 4.44
N THR C 212 6.65 -20.25 4.97
CA THR C 212 6.86 -21.45 4.13
C THR C 212 5.73 -21.59 3.09
N ALA C 213 6.09 -21.61 1.82
CA ALA C 213 5.09 -21.61 0.74
C ALA C 213 5.71 -21.88 -0.61
N THR C 214 4.85 -22.18 -1.58
CA THR C 214 5.26 -22.19 -2.97
C THR C 214 4.98 -20.80 -3.52
N TYR C 215 6.01 -20.19 -4.05
CA TYR C 215 5.95 -18.83 -4.50
C TYR C 215 5.85 -18.81 -6.00
N TYR C 216 4.82 -18.13 -6.50
CA TYR C 216 4.62 -17.98 -7.93
C TYR C 216 4.77 -16.54 -8.38
N CYS C 217 5.34 -16.35 -9.56
CA CYS C 217 5.18 -15.10 -10.24
C CYS C 217 4.14 -15.28 -11.36
N ALA C 218 3.40 -14.21 -11.65
CA ALA C 218 2.37 -14.24 -12.70
C ALA C 218 2.13 -12.83 -13.18
N ASN C 219 1.63 -12.69 -14.40
CA ASN C 219 1.17 -11.39 -14.87
C ASN C 219 -0.19 -11.08 -14.25
N TRP C 220 -0.46 -9.80 -14.06
CA TRP C 220 -1.71 -9.35 -13.48
C TRP C 220 -2.93 -9.95 -14.20
N ASP C 221 -2.84 -10.12 -15.53
CA ASP C 221 -3.94 -10.66 -16.35
C ASP C 221 -4.31 -12.11 -15.97
N GLY C 222 -3.44 -12.83 -15.28
CA GLY C 222 -3.71 -14.20 -14.87
C GLY C 222 -3.40 -15.28 -15.90
N ASP C 223 -3.06 -14.86 -17.12
CA ASP C 223 -2.76 -15.74 -18.24
C ASP C 223 -1.53 -16.60 -18.03
N TYR C 224 -0.48 -15.98 -17.52
CA TYR C 224 0.83 -16.57 -17.49
C TYR C 224 1.34 -16.66 -16.09
N TRP C 225 1.65 -17.88 -15.68
CA TRP C 225 2.29 -18.16 -14.40
C TRP C 225 3.62 -18.86 -14.63
N GLY C 226 4.56 -18.68 -13.72
CA GLY C 226 5.76 -19.49 -13.66
C GLY C 226 5.48 -20.86 -13.01
N GLN C 227 6.47 -21.73 -13.00
CA GLN C 227 6.26 -23.09 -12.51
C GLN C 227 6.09 -23.14 -10.99
N GLY C 228 6.51 -22.08 -10.30
CA GLY C 228 6.40 -22.01 -8.85
C GLY C 228 7.70 -22.46 -8.22
N THR C 229 8.02 -21.87 -7.07
CA THR C 229 9.24 -22.27 -6.37
C THR C 229 8.99 -22.50 -4.87
N LEU C 230 9.39 -23.66 -4.36
CA LEU C 230 9.20 -23.95 -2.92
C LEU C 230 10.29 -23.32 -2.03
N VAL C 231 9.84 -22.65 -0.97
CA VAL C 231 10.71 -21.98 -0.02
C VAL C 231 10.39 -22.46 1.39
N THR C 232 11.39 -23.03 2.06
CA THR C 232 11.24 -23.47 3.43
C THR C 232 12.03 -22.61 4.43
N VAL C 233 11.31 -22.11 5.43
CA VAL C 233 11.91 -21.39 6.55
C VAL C 233 12.12 -22.39 7.68
N SER C 234 13.38 -22.66 7.99
CA SER C 234 13.70 -23.62 9.05
C SER C 234 13.68 -22.95 10.41
N ALA C 235 13.25 -23.69 11.44
CA ALA C 235 13.27 -23.23 12.84
C ALA C 235 14.66 -22.90 13.43
N ALA C 236 15.71 -23.13 12.63
CA ALA C 236 17.09 -22.64 12.86
C ALA C 236 17.89 -22.74 11.54
N LYS D 1 -23.14 2.14 -31.76
CA LYS D 1 -24.33 2.16 -30.90
C LYS D 1 -24.24 3.29 -29.91
N VAL D 2 -25.29 4.10 -29.84
CA VAL D 2 -25.33 5.20 -28.89
C VAL D 2 -26.25 4.79 -27.76
N PHE D 3 -25.76 4.89 -26.52
CA PHE D 3 -26.53 4.45 -25.37
C PHE D 3 -27.38 5.59 -24.85
N GLY D 4 -28.44 5.25 -24.13
CA GLY D 4 -29.06 6.20 -23.22
C GLY D 4 -28.39 6.13 -21.84
N ARG D 5 -28.52 7.20 -21.06
CA ARG D 5 -28.01 7.25 -19.70
C ARG D 5 -28.30 5.97 -18.90
N CYS D 6 -29.57 5.63 -18.77
CA CYS D 6 -29.94 4.55 -17.87
C CYS D 6 -29.53 3.21 -18.42
N GLU D 7 -29.79 3.04 -19.70
CA GLU D 7 -29.42 1.82 -20.38
C GLU D 7 -27.96 1.49 -20.09
N LEU D 8 -27.10 2.50 -20.16
CA LEU D 8 -25.68 2.33 -19.96
C LEU D 8 -25.34 2.04 -18.50
N ALA D 9 -25.91 2.83 -17.58
CA ALA D 9 -25.82 2.55 -16.16
C ALA D 9 -26.17 1.08 -15.85
N ALA D 10 -27.25 0.58 -16.46
CA ALA D 10 -27.62 -0.81 -16.32
C ALA D 10 -26.54 -1.74 -16.88
N ALA D 11 -26.05 -1.44 -18.08
CA ALA D 11 -25.01 -2.28 -18.69
C ALA D 11 -23.74 -2.30 -17.81
N MET D 12 -23.28 -1.13 -17.39
CA MET D 12 -22.09 -0.98 -16.56
C MET D 12 -22.25 -1.72 -15.24
N LYS D 13 -23.43 -1.64 -14.66
CA LYS D 13 -23.72 -2.38 -13.45
C LYS D 13 -23.61 -3.89 -13.71
N ARG D 14 -24.18 -4.33 -14.82
CA ARG D 14 -24.15 -5.74 -15.22
C ARG D 14 -22.71 -6.19 -15.50
N HIS D 15 -21.89 -5.28 -16.01
CA HIS D 15 -20.49 -5.58 -16.31
C HIS D 15 -19.55 -5.31 -15.14
N GLY D 16 -20.11 -5.24 -13.93
CA GLY D 16 -19.34 -5.16 -12.71
C GLY D 16 -18.62 -3.88 -12.38
N LEU D 17 -19.08 -2.76 -12.92
CA LEU D 17 -18.44 -1.49 -12.59
C LEU D 17 -19.06 -0.78 -11.40
N ASP D 18 -20.04 -1.38 -10.73
CA ASP D 18 -20.50 -0.72 -9.52
C ASP D 18 -19.51 -0.94 -8.41
N ASN D 19 -18.96 0.15 -7.90
CA ASN D 19 -17.95 0.08 -6.85
C ASN D 19 -16.73 -0.81 -7.14
N TYR D 20 -16.17 -0.70 -8.34
CA TYR D 20 -14.95 -1.42 -8.70
C TYR D 20 -13.76 -0.64 -8.21
N ARG D 21 -12.88 -1.28 -7.44
CA ARG D 21 -11.69 -0.65 -6.89
C ARG D 21 -11.94 0.75 -6.37
N GLY D 22 -13.04 0.90 -5.65
CA GLY D 22 -13.34 2.15 -5.00
C GLY D 22 -13.98 3.24 -5.85
N TYR D 23 -14.34 2.96 -7.10
CA TYR D 23 -15.09 3.93 -7.90
C TYR D 23 -16.58 3.56 -8.04
N SER D 24 -17.46 4.42 -7.56
CA SER D 24 -18.91 4.16 -7.63
C SER D 24 -19.43 4.33 -9.05
N LEU D 25 -20.52 3.64 -9.37
CA LEU D 25 -21.09 3.57 -10.73
C LEU D 25 -21.18 4.88 -11.53
N GLY D 26 -21.61 5.96 -10.87
CA GLY D 26 -21.71 7.27 -11.51
C GLY D 26 -20.41 7.83 -12.07
N ASN D 27 -19.28 7.41 -11.52
CA ASN D 27 -17.99 7.80 -12.09
C ASN D 27 -17.84 7.30 -13.50
N TRP D 28 -18.29 6.09 -13.75
CA TRP D 28 -18.15 5.49 -15.06
C TRP D 28 -19.09 6.08 -16.12
N VAL D 29 -20.34 6.30 -15.72
CA VAL D 29 -21.37 6.85 -16.58
C VAL D 29 -21.06 8.30 -16.99
N CYS D 30 -20.59 9.09 -16.04
CA CYS D 30 -20.15 10.47 -16.31
C CYS D 30 -18.96 10.50 -17.31
N ALA D 31 -17.99 9.59 -17.11
CA ALA D 31 -16.82 9.56 -17.95
C ALA D 31 -17.24 9.25 -19.38
N ALA D 32 -18.09 8.23 -19.56
CA ALA D 32 -18.55 7.85 -20.89
C ALA D 32 -19.30 9.00 -21.60
N LYS D 33 -20.02 9.83 -20.84
CA LYS D 33 -20.68 11.00 -21.40
C LYS D 33 -19.71 11.99 -22.01
N PHE D 34 -18.72 12.39 -21.22
CA PHE D 34 -17.83 13.47 -21.64
C PHE D 34 -16.66 13.04 -22.50
N GLU D 35 -16.40 11.73 -22.54
CA GLU D 35 -15.40 11.18 -23.45
C GLU D 35 -15.98 10.89 -24.84
N SER D 36 -17.10 10.17 -24.89
CA SER D 36 -17.66 9.69 -26.16
C SER D 36 -19.12 10.11 -26.47
N ASN D 37 -19.76 10.79 -25.53
CA ASN D 37 -21.20 11.06 -25.60
C ASN D 37 -22.06 9.81 -25.69
N PHE D 38 -21.66 8.75 -24.96
CA PHE D 38 -22.30 7.43 -24.95
C PHE D 38 -22.21 6.65 -26.28
N ASN D 39 -21.19 6.97 -27.08
CA ASN D 39 -21.03 6.38 -28.42
C ASN D 39 -19.90 5.36 -28.49
N THR D 40 -20.28 4.11 -28.72
CA THR D 40 -19.31 3.03 -28.71
C THR D 40 -18.40 3.10 -29.91
N GLN D 41 -18.79 3.89 -30.91
CA GLN D 41 -18.00 3.96 -32.14
C GLN D 41 -17.12 5.19 -32.29
N ALA D 42 -17.04 6.01 -31.24
CA ALA D 42 -16.29 7.27 -31.26
C ALA D 42 -14.79 7.02 -31.43
N THR D 43 -14.15 7.83 -32.29
CA THR D 43 -12.69 7.83 -32.41
C THR D 43 -12.21 9.27 -32.47
N ASN D 44 -11.06 9.57 -31.89
CA ASN D 44 -10.46 10.93 -31.97
C ASN D 44 -8.95 10.85 -32.02
N ARG D 45 -8.34 11.39 -33.06
CA ARG D 45 -6.90 11.45 -33.10
C ARG D 45 -6.40 12.57 -32.19
N ASN D 46 -5.31 12.29 -31.47
CA ASN D 46 -4.63 13.29 -30.65
C ASN D 46 -3.47 13.94 -31.41
N THR D 47 -3.01 15.09 -30.90
CA THR D 47 -1.89 15.81 -31.49
C THR D 47 -0.61 14.96 -31.59
N ASP D 48 -0.34 14.14 -30.56
CA ASP D 48 0.84 13.28 -30.59
C ASP D 48 0.76 12.13 -31.61
N GLY D 49 -0.34 12.08 -32.36
CA GLY D 49 -0.50 11.03 -33.38
C GLY D 49 -0.99 9.66 -32.89
N SER D 50 -1.56 9.62 -31.69
CA SER D 50 -2.29 8.43 -31.25
C SER D 50 -3.79 8.69 -31.46
N THR D 51 -4.60 7.67 -31.21
CA THR D 51 -6.05 7.80 -31.31
C THR D 51 -6.69 7.17 -30.09
N ASP D 52 -7.77 7.79 -29.62
CA ASP D 52 -8.62 7.23 -28.56
C ASP D 52 -9.81 6.48 -29.18
N TYR D 53 -10.24 5.38 -28.54
CA TYR D 53 -11.30 4.55 -29.09
C TYR D 53 -12.39 4.21 -28.12
N GLY D 54 -13.61 4.22 -28.63
CA GLY D 54 -14.75 3.65 -27.98
C GLY D 54 -15.41 4.52 -26.97
N ILE D 55 -16.35 3.93 -26.26
CA ILE D 55 -17.16 4.64 -25.30
C ILE D 55 -16.35 5.22 -24.13
N LEU D 56 -15.14 4.70 -23.89
CA LEU D 56 -14.25 5.24 -22.87
C LEU D 56 -12.95 5.85 -23.40
N GLN D 57 -12.86 5.99 -24.72
CA GLN D 57 -11.77 6.74 -25.35
C GLN D 57 -10.38 6.28 -24.89
N ILE D 58 -10.16 4.97 -24.98
CA ILE D 58 -8.91 4.34 -24.61
C ILE D 58 -7.83 4.61 -25.67
N ASN D 59 -6.67 5.07 -25.22
CA ASN D 59 -5.62 5.56 -26.13
C ASN D 59 -4.73 4.44 -26.70
N SER D 60 -4.22 4.63 -27.91
CA SER D 60 -3.49 3.57 -28.64
C SER D 60 -1.98 3.46 -28.32
N ARG D 61 -1.46 4.47 -27.64
CA ARG D 61 -0.05 4.53 -27.23
C ARG D 61 0.31 3.52 -26.12
N TRP D 62 -0.57 3.30 -25.16
CA TRP D 62 -0.32 2.30 -24.11
C TRP D 62 -1.17 1.03 -24.28
N TRP D 63 -2.44 1.21 -24.63
CA TRP D 63 -3.44 0.20 -24.29
C TRP D 63 -3.83 -0.79 -25.36
N CYS D 64 -3.81 -0.38 -26.61
CA CYS D 64 -4.18 -1.29 -27.69
C CYS D 64 -3.39 -1.03 -28.96
N ASN D 65 -3.57 -1.91 -29.93
CA ASN D 65 -2.81 -1.83 -31.16
C ASN D 65 -3.67 -1.39 -32.33
N ASP D 66 -3.31 -0.24 -32.93
CA ASP D 66 -3.95 0.26 -34.14
C ASP D 66 -3.01 0.36 -35.35
N GLY D 67 -1.74 -0.02 -35.17
CA GLY D 67 -0.76 -0.07 -36.25
C GLY D 67 -0.29 1.25 -36.84
N ARG D 68 -0.63 2.38 -36.23
CA ARG D 68 -0.10 3.68 -36.69
C ARG D 68 0.43 4.59 -35.57
N THR D 69 0.73 4.00 -34.43
CA THR D 69 1.18 4.78 -33.28
C THR D 69 2.62 4.43 -32.91
N PRO D 70 3.53 5.41 -33.05
CA PRO D 70 4.98 5.34 -32.79
C PRO D 70 5.43 4.30 -31.75
N GLY D 71 5.09 4.51 -30.47
CA GLY D 71 5.54 3.60 -29.42
C GLY D 71 4.45 2.81 -28.73
N SER D 72 3.48 2.30 -29.51
CA SER D 72 2.36 1.50 -28.98
C SER D 72 2.89 0.38 -28.07
N ARG D 73 2.28 0.28 -26.88
CA ARG D 73 2.61 -0.78 -25.94
C ARG D 73 1.56 -1.89 -25.88
N ASN D 74 0.33 -1.61 -26.27
CA ASN D 74 -0.71 -2.65 -26.27
C ASN D 74 -0.82 -3.44 -24.96
N LEU D 75 -1.07 -2.74 -23.86
CA LEU D 75 -1.18 -3.39 -22.53
C LEU D 75 -2.46 -4.22 -22.32
N CYS D 76 -3.53 -3.92 -23.06
CA CYS D 76 -4.73 -4.72 -22.96
C CYS D 76 -4.71 -5.87 -23.96
N ASN D 77 -3.59 -6.05 -24.65
CA ASN D 77 -3.43 -7.17 -25.60
C ASN D 77 -4.59 -7.29 -26.60
N ILE D 78 -5.02 -6.17 -27.14
CA ILE D 78 -6.26 -6.11 -27.92
C ILE D 78 -6.11 -5.17 -29.12
N PRO D 79 -6.76 -5.50 -30.27
CA PRO D 79 -6.81 -4.50 -31.34
C PRO D 79 -7.79 -3.35 -30.99
N CYS D 80 -7.40 -2.12 -31.27
CA CYS D 80 -8.21 -0.95 -30.93
C CYS D 80 -9.65 -1.02 -31.51
N SER D 81 -9.82 -1.71 -32.64
CA SER D 81 -11.14 -1.94 -33.20
C SER D 81 -12.05 -2.76 -32.29
N ALA D 82 -11.48 -3.68 -31.51
CA ALA D 82 -12.29 -4.44 -30.56
C ALA D 82 -12.98 -3.53 -29.52
N LEU D 83 -12.49 -2.30 -29.43
CA LEU D 83 -13.02 -1.33 -28.49
C LEU D 83 -14.23 -0.56 -29.01
N LEU D 84 -14.67 -0.92 -30.20
CA LEU D 84 -15.66 -0.14 -30.92
C LEU D 84 -16.97 -0.90 -31.07
N SER D 85 -17.00 -2.11 -30.52
CA SER D 85 -18.16 -2.99 -30.57
C SER D 85 -19.42 -2.37 -29.92
N SER D 86 -20.60 -2.86 -30.26
CA SER D 86 -21.81 -2.44 -29.54
C SER D 86 -21.89 -3.15 -28.19
N ASP D 87 -21.16 -4.26 -28.09
CA ASP D 87 -21.02 -4.96 -26.83
C ASP D 87 -19.83 -4.40 -26.07
N ILE D 88 -20.07 -3.85 -24.87
CA ILE D 88 -19.04 -3.07 -24.16
C ILE D 88 -17.95 -3.88 -23.41
N THR D 89 -18.04 -5.20 -23.47
CA THR D 89 -17.12 -6.11 -22.78
C THR D 89 -15.63 -5.70 -22.81
N ALA D 90 -15.06 -5.58 -24.01
CA ALA D 90 -13.66 -5.23 -24.15
C ALA D 90 -13.28 -3.89 -23.49
N SER D 91 -14.07 -2.84 -23.75
CA SER D 91 -13.87 -1.54 -23.15
C SER D 91 -13.88 -1.66 -21.61
N VAL D 92 -14.85 -2.37 -21.07
CA VAL D 92 -14.95 -2.49 -19.62
C VAL D 92 -13.75 -3.22 -19.03
N ASN D 93 -13.35 -4.32 -19.67
CA ASN D 93 -12.21 -5.10 -19.23
C ASN D 93 -10.93 -4.30 -19.27
N CYS D 94 -10.74 -3.59 -20.38
CA CYS D 94 -9.58 -2.76 -20.55
C CYS D 94 -9.57 -1.54 -19.60
N ALA D 95 -10.71 -0.88 -19.41
CA ALA D 95 -10.79 0.20 -18.43
C ALA D 95 -10.44 -0.29 -17.01
N LYS D 96 -10.81 -1.54 -16.71
CA LYS D 96 -10.54 -2.15 -15.41
C LYS D 96 -9.05 -2.30 -15.11
N LYS D 97 -8.29 -2.76 -16.11
CA LYS D 97 -6.84 -2.81 -15.99
C LYS D 97 -6.27 -1.39 -15.83
N ILE D 98 -6.69 -0.47 -16.71
CA ILE D 98 -6.26 0.93 -16.59
C ILE D 98 -6.49 1.46 -15.17
N VAL D 99 -7.68 1.27 -14.63
CA VAL D 99 -7.98 1.92 -13.35
C VAL D 99 -7.28 1.25 -12.17
N SER D 100 -6.66 0.09 -12.41
CA SER D 100 -5.99 -0.72 -11.37
C SER D 100 -4.55 -0.26 -11.10
N ASP D 101 -4.05 0.66 -11.93
CA ASP D 101 -2.83 1.37 -11.63
C ASP D 101 -3.10 2.49 -10.62
N GLY D 102 -2.07 2.90 -9.90
CA GLY D 102 -2.17 3.91 -8.85
C GLY D 102 -2.80 5.22 -9.25
N ASN D 103 -2.72 5.55 -10.53
CA ASN D 103 -3.36 6.75 -11.04
C ASN D 103 -4.89 6.72 -11.04
N GLY D 104 -5.48 5.52 -10.88
CA GLY D 104 -6.94 5.38 -10.90
C GLY D 104 -7.55 6.05 -12.12
N MET D 105 -8.68 6.71 -11.92
CA MET D 105 -9.43 7.28 -13.04
C MET D 105 -8.81 8.55 -13.64
N ASN D 106 -7.69 9.03 -13.09
CA ASN D 106 -7.02 10.22 -13.64
C ASN D 106 -6.44 9.98 -15.02
N ALA D 107 -6.38 8.72 -15.42
CA ALA D 107 -6.00 8.38 -16.79
C ALA D 107 -6.89 9.11 -17.81
N TRP D 108 -8.14 9.42 -17.43
CA TRP D 108 -9.12 10.04 -18.35
C TRP D 108 -9.26 11.53 -18.11
N VAL D 109 -8.74 12.32 -19.05
CA VAL D 109 -8.78 13.78 -18.96
C VAL D 109 -10.19 14.31 -18.77
N ALA D 110 -11.12 13.86 -19.60
CA ALA D 110 -12.52 14.27 -19.46
C ALA D 110 -13.09 14.00 -18.06
N TRP D 111 -12.74 12.87 -17.45
CA TRP D 111 -13.20 12.56 -16.09
C TRP D 111 -12.59 13.55 -15.10
N ARG D 112 -11.27 13.69 -15.20
CA ARG D 112 -10.50 14.63 -14.38
C ARG D 112 -11.02 16.07 -14.51
N ASN D 113 -11.54 16.41 -15.69
CA ASN D 113 -12.01 17.77 -15.91
C ASN D 113 -13.47 18.06 -15.65
N ARG D 114 -14.32 17.04 -15.77
CA ARG D 114 -15.75 17.30 -15.70
C ARG D 114 -16.48 16.44 -14.69
N CYS D 115 -15.82 15.42 -14.15
CA CYS D 115 -16.47 14.51 -13.21
C CYS D 115 -15.92 14.60 -11.80
N LYS D 116 -14.60 14.47 -11.68
CA LYS D 116 -13.93 14.48 -10.38
C LYS D 116 -14.29 15.71 -9.57
N GLY D 117 -14.95 15.50 -8.44
CA GLY D 117 -15.35 16.59 -7.56
C GLY D 117 -16.74 17.13 -7.86
N THR D 118 -17.48 16.46 -8.72
CA THR D 118 -18.90 16.80 -8.91
C THR D 118 -19.74 15.68 -8.28
N ASP D 119 -21.04 15.88 -8.22
CA ASP D 119 -21.94 14.87 -7.65
C ASP D 119 -22.27 13.82 -8.71
N VAL D 120 -21.47 12.76 -8.72
CA VAL D 120 -21.54 11.80 -9.80
C VAL D 120 -22.67 10.78 -9.63
N GLN D 121 -23.20 10.63 -8.43
CA GLN D 121 -24.36 9.75 -8.25
C GLN D 121 -25.57 10.27 -9.02
N ALA D 122 -25.60 11.58 -9.29
CA ALA D 122 -26.66 12.18 -10.12
C ALA D 122 -26.90 11.42 -11.44
N TRP D 123 -25.81 10.98 -12.06
CA TRP D 123 -25.85 10.27 -13.34
C TRP D 123 -26.52 8.91 -13.27
N ILE D 124 -26.78 8.41 -12.08
CA ILE D 124 -27.53 7.15 -11.93
C ILE D 124 -28.86 7.34 -11.22
N ARG D 125 -29.27 8.59 -11.03
CA ARG D 125 -30.53 8.91 -10.37
C ARG D 125 -31.71 8.82 -11.35
N GLY D 126 -32.76 8.14 -10.93
CA GLY D 126 -33.91 7.89 -11.80
C GLY D 126 -33.89 6.54 -12.49
N CYS D 127 -32.76 5.84 -12.42
CA CYS D 127 -32.63 4.55 -13.12
C CYS D 127 -33.08 3.35 -12.29
N ARG D 128 -33.80 2.44 -12.94
CA ARG D 128 -34.19 1.19 -12.32
C ARG D 128 -32.92 0.34 -12.30
N LEU D 129 -32.21 0.33 -11.16
CA LEU D 129 -30.96 -0.43 -11.05
C LEU D 129 -31.13 -1.77 -10.30
C2 1PG E . 5.08 9.21 13.04
C1 1PG E . 7.43 8.57 13.09
O1 1PG E . 6.31 9.02 12.31
O2 1PG E . 5.68 10.64 14.91
C3 1PG E . 5.00 10.61 13.65
C4 1PG E . 6.82 11.50 14.88
C5 1PG E . 7.94 11.03 15.82
O3 1PG E . 9.10 10.62 15.09
C6 1PG E . 10.14 11.60 14.92
C7 1PG E . 10.72 11.42 13.53
O4 1PG E . 11.76 12.36 13.24
C8 1PG E . 12.88 11.74 12.60
C9 1PG E . 13.88 12.76 12.08
O5 1PG E . 15.15 12.49 12.67
C10 1PG E . 15.53 13.52 13.61
C11 1PG E . 16.64 13.04 14.55
O6 1PG E . 16.40 13.43 15.91
C2 1PG F . -6.90 -10.35 -11.22
C1 1PG F . -8.29 -8.96 -12.69
O1 1PG F . -7.04 -9.17 -12.03
O2 1PG F . -7.47 -12.16 -12.76
C3 1PG F . -6.39 -11.57 -12.00
C4 1PG F . -7.33 -12.02 -14.17
C5 1PG F . -8.68 -11.86 -14.89
O3 1PG F . -8.80 -10.53 -15.42
C6 1PG F . -8.60 -10.42 -16.83
C7 1PG F . -7.56 -9.33 -17.07
O4 1PG F . -7.56 -8.91 -18.44
C8 1PG F . -7.23 -7.52 -18.53
C9 1PG F . -7.05 -7.04 -19.97
O5 1PG F . -8.31 -6.75 -20.60
C10 1PG F . -8.49 -7.59 -21.76
C11 1PG F . -9.60 -7.07 -22.67
O6 1PG F . -10.31 -8.20 -23.19
#